data_3CF6
#
_entry.id   3CF6
#
_cell.length_a   125.367
_cell.length_b   149.025
_cell.length_c   225.291
_cell.angle_alpha   90.00
_cell.angle_beta   90.00
_cell.angle_gamma   90.00
#
_symmetry.space_group_name_H-M   'I 21 21 21'
#
loop_
_entity.id
_entity.type
_entity.pdbx_description
1 polymer 'Rap guanine nucleotide exchange factor (GEF) 4'
2 polymer 'Ras-related protein Rap-1b'
3 non-polymer 6-(6-AMINO-PURIN-9-YL)-2-THIOXO-TETRAHYDRO-2-FURO[3,2-D][1,3,2]DIOXAPHOSPHININE-2,7-DIOL
4 non-polymer 'SULFATE ION'
5 water water
#
loop_
_entity_poly.entity_id
_entity_poly.type
_entity_poly.pdbx_seq_one_letter_code
_entity_poly.pdbx_strand_id
1 'polypeptide(L)'
;GSPESFPDAHMRMILRKPPGQRTVDDLEIIYDELLHIKALSHLSTTVKRELAGVLIFESHAKGGTVLFNQGEEGTSWYII
LKGSVNVVIYGKGVVCTLHEGDDFGKLALVNDAPRAASIVLREDNCHFLRVDKEDFNRILRDVEANTVRLKEHDQDVLVL
EKVPAGNRAANQGNSQPQQKYTVMSGTPEKILEHFLETIRLEPSLNEATDSVLNDFVMMHCVFMPNTQLCPALVAHYHAQ
PSQGTEQERMDYALNNKRRVIRLVLQWAAMYGDLLQEDDVAMAFLEEFYVSVSDDARMMAAFKEQLPELEKIVKQISEDA
KAPQKKHKVLLQQFNTGDERAQKRQPIRGSDEVLFKVYCIDHTYTTIRVPVAASVKEVISAVADKLGSGEGLIIVKMNSG
GEKVVLKSNDVSVFTTLTINGRLFACPREQFDSLTPLPEQEGPTTGTVGTFELMSSKDLAYQMTTYDWELFNCVHELELI
YHTFGRHNFKKTTANLDLFLRRFNEIQFWVVTEVCLCSQLSKRVQLLKKFIKIAAHCKEYKNLNSFFAIVMGLSNVAVSR
LALTWEKLPSKFKKFYAEFESLMDPSRNHRAYRLTAAKLEPPLIPFMPLLIKDMTFTHEGNKTFIDNLVNFEKMRMIANT
ARTVRYYRSQPFNPDAAQANKNHQDVRSYVRQLNVIDNQRTLSQMSHRLEPRRP
;
E
2 'polypeptide(L)'
;MREYKLVVLGSGGVGKSALTVQFVQGIFVEKYDPTIEDSYRKQVEVDAQQCMLEILDTAGTEQFTAMRDLYMKNGQGFAL
VYSITAQSTFNDLQDLREQILRVKDTDDVPMILVGNKCDLEDERVVGKEQGQNLARQWNNCAFLESSAKSKINVNEIFYD
LVRQINR
;
R
#
loop_
_chem_comp.id
_chem_comp.type
_chem_comp.name
_chem_comp.formula
SO4 non-polymer 'SULFATE ION' 'O4 S -2'
SP1 non-polymer 6-(6-AMINO-PURIN-9-YL)-2-THIOXO-TETRAHYDRO-2-FURO[3,2-D][1,3,2]DIOXAPHOSPHININE-2,7-DIOL 'C10 H12 N5 O5 P S'
#
# COMPACT_ATOMS: atom_id res chain seq x y z
N MET A 11 -29.74 38.98 32.47
CA MET A 11 -28.82 38.40 31.44
C MET A 11 -28.91 36.87 31.37
N ARG A 12 -28.87 36.22 32.53
CA ARG A 12 -29.14 34.78 32.62
C ARG A 12 -30.61 34.55 32.28
N MET A 13 -31.47 35.43 32.82
CA MET A 13 -32.90 35.47 32.46
C MET A 13 -33.05 35.47 30.94
N ILE A 14 -32.39 36.43 30.30
CA ILE A 14 -32.39 36.62 28.85
C ILE A 14 -31.96 35.34 28.14
N LEU A 15 -30.83 34.78 28.58
CA LEU A 15 -30.27 33.56 28.01
C LEU A 15 -31.06 32.30 28.38
N ARG A 16 -31.91 32.43 29.39
CA ARG A 16 -32.84 31.37 29.76
C ARG A 16 -34.16 31.41 28.96
N LYS A 17 -34.51 32.59 28.45
CA LYS A 17 -35.72 32.75 27.64
C LYS A 17 -35.61 31.87 26.41
N PRO A 18 -36.71 31.17 26.07
CA PRO A 18 -36.70 30.46 24.79
C PRO A 18 -36.27 31.40 23.64
N PRO A 19 -35.40 30.90 22.75
CA PRO A 19 -35.05 31.57 21.50
C PRO A 19 -36.14 32.51 20.92
N GLY A 20 -37.36 32.01 20.77
CA GLY A 20 -38.42 32.79 20.13
C GLY A 20 -39.00 33.90 20.99
N GLN A 21 -38.53 34.02 22.22
CA GLN A 21 -39.06 35.01 23.16
C GLN A 21 -38.07 36.12 23.43
N ARG A 22 -36.95 36.11 22.71
CA ARG A 22 -35.93 37.15 22.88
C ARG A 22 -36.26 38.38 22.04
N THR A 23 -36.16 39.53 22.69
CA THR A 23 -36.45 40.81 22.07
C THR A 23 -35.22 41.31 21.34
N VAL A 24 -35.43 42.29 20.46
CA VAL A 24 -34.34 42.85 19.68
C VAL A 24 -33.20 43.36 20.55
N ASP A 25 -33.52 43.98 21.69
CA ASP A 25 -32.46 44.45 22.60
C ASP A 25 -31.83 43.33 23.43
N ASP A 26 -32.59 42.26 23.69
CA ASP A 26 -32.04 41.04 24.31
C ASP A 26 -30.95 40.52 23.40
N LEU A 27 -31.30 40.36 22.13
CA LEU A 27 -30.42 39.89 21.08
C LEU A 27 -29.15 40.71 20.97
N GLU A 28 -29.28 42.03 20.99
CA GLU A 28 -28.12 42.95 20.91
C GLU A 28 -27.18 42.77 22.12
N ILE A 29 -27.77 42.75 23.31
CA ILE A 29 -27.04 42.53 24.56
C ILE A 29 -26.34 41.17 24.60
N ILE A 30 -26.99 40.14 24.05
CA ILE A 30 -26.42 38.80 24.02
C ILE A 30 -25.21 38.79 23.09
N TYR A 31 -25.36 39.38 21.91
CA TYR A 31 -24.29 39.44 20.91
C TYR A 31 -23.03 40.10 21.45
N ASP A 32 -23.18 41.24 22.12
CA ASP A 32 -22.02 41.94 22.72
C ASP A 32 -21.27 41.07 23.71
N GLU A 33 -21.99 40.18 24.40
CA GLU A 33 -21.38 39.24 25.32
C GLU A 33 -20.72 38.06 24.62
N LEU A 34 -21.29 37.66 23.48
CA LEU A 34 -20.71 36.60 22.65
C LEU A 34 -19.31 36.97 22.19
N LEU A 35 -19.06 38.27 22.04
CA LEU A 35 -17.75 38.78 21.64
C LEU A 35 -16.65 38.62 22.69
N HIS A 36 -17.05 38.32 23.93
CA HIS A 36 -16.09 38.07 25.00
C HIS A 36 -15.88 36.57 25.24
N ILE A 37 -16.32 35.74 24.29
CA ILE A 37 -16.23 34.29 24.44
C ILE A 37 -15.25 33.74 23.41
N LYS A 38 -14.14 33.20 23.93
CA LYS A 38 -13.03 32.75 23.10
C LYS A 38 -13.34 31.56 22.18
N ALA A 39 -14.27 30.70 22.60
CA ALA A 39 -14.71 29.58 21.76
C ALA A 39 -15.46 30.01 20.47
N LEU A 40 -15.93 31.26 20.43
CA LEU A 40 -16.65 31.76 19.26
C LEU A 40 -15.80 32.72 18.42
N SER A 41 -14.54 32.90 18.82
CA SER A 41 -13.70 34.00 18.32
C SER A 41 -13.36 33.90 16.84
N HIS A 42 -13.31 32.68 16.31
CA HIS A 42 -13.04 32.40 14.89
C HIS A 42 -14.31 32.41 14.01
N LEU A 43 -15.46 32.68 14.62
CA LEU A 43 -16.73 32.74 13.88
C LEU A 43 -17.01 34.15 13.39
N SER A 44 -17.63 34.25 12.21
CA SER A 44 -18.05 35.53 11.65
C SER A 44 -19.09 36.25 12.54
N THR A 45 -19.14 37.58 12.36
CA THR A 45 -20.20 38.46 12.81
C THR A 45 -21.59 37.95 12.43
N THR A 46 -21.74 37.52 11.18
CA THR A 46 -22.98 36.97 10.70
C THR A 46 -23.39 35.76 11.54
N VAL A 47 -22.41 34.90 11.83
CA VAL A 47 -22.68 33.65 12.55
C VAL A 47 -23.05 33.92 14.00
N LYS A 48 -22.34 34.85 14.64
CA LYS A 48 -22.56 35.18 16.03
C LYS A 48 -23.89 35.91 16.33
N ARG A 49 -24.37 36.75 15.40
CA ARG A 49 -25.72 37.32 15.57
C ARG A 49 -26.83 36.26 15.36
N GLU A 50 -26.65 35.33 14.43
CA GLU A 50 -27.54 34.15 14.39
C GLU A 50 -27.57 33.33 15.68
N LEU A 51 -26.40 33.09 16.27
CA LEU A 51 -26.29 32.35 17.54
C LEU A 51 -26.91 33.07 18.71
N ALA A 52 -26.94 34.40 18.64
CA ALA A 52 -27.56 35.23 19.69
C ALA A 52 -29.04 34.83 19.92
N GLY A 53 -29.72 34.41 18.88
CA GLY A 53 -31.11 34.00 18.99
C GLY A 53 -31.35 32.55 19.30
N VAL A 54 -30.29 31.78 19.52
CA VAL A 54 -30.37 30.32 19.53
C VAL A 54 -29.59 29.66 20.70
N LEU A 55 -28.55 30.32 21.18
CA LEU A 55 -27.72 29.85 22.29
C LEU A 55 -28.49 29.80 23.61
N ILE A 56 -28.38 28.68 24.33
CA ILE A 56 -29.07 28.50 25.61
C ILE A 56 -28.06 28.57 26.78
N PHE A 57 -28.43 29.28 27.84
CA PHE A 57 -27.68 29.26 29.08
C PHE A 57 -28.23 28.16 29.97
N GLU A 58 -27.32 27.34 30.50
CA GLU A 58 -27.66 26.18 31.30
C GLU A 58 -26.79 26.20 32.55
N SER A 59 -27.44 26.06 33.69
CA SER A 59 -26.78 26.08 34.98
C SER A 59 -27.11 24.78 35.69
N HIS A 60 -26.17 24.28 36.49
CA HIS A 60 -26.45 23.16 37.40
C HIS A 60 -25.69 23.37 38.68
N ALA A 61 -26.36 23.10 39.80
CA ALA A 61 -25.83 23.39 41.12
C ALA A 61 -24.80 22.36 41.62
N LYS A 62 -25.08 21.09 41.40
CA LYS A 62 -24.35 20.02 42.09
C LYS A 62 -23.29 19.34 41.21
N GLY A 63 -22.08 19.25 41.76
CA GLY A 63 -21.01 18.40 41.24
C GLY A 63 -21.51 16.96 41.15
N GLY A 64 -21.10 16.24 40.10
CA GLY A 64 -21.60 14.90 39.87
C GLY A 64 -22.84 14.85 39.04
N THR A 65 -23.39 16.01 38.67
CA THR A 65 -24.54 16.07 37.75
C THR A 65 -24.10 15.66 36.33
N VAL A 66 -24.94 14.87 35.68
CA VAL A 66 -24.63 14.27 34.41
C VAL A 66 -25.31 15.06 33.30
N LEU A 67 -24.50 15.58 32.37
CA LEU A 67 -24.98 16.27 31.19
C LEU A 67 -25.49 15.28 30.17
N PHE A 68 -24.68 14.28 29.87
CA PHE A 68 -25.07 13.17 29.01
C PHE A 68 -24.17 11.95 29.28
N ASN A 69 -24.63 10.79 28.81
CA ASN A 69 -23.97 9.53 28.99
C ASN A 69 -23.40 8.98 27.68
N GLN A 70 -22.32 8.23 27.82
CA GLN A 70 -21.76 7.41 26.74
C GLN A 70 -22.86 6.59 26.13
N GLY A 71 -22.83 6.41 24.81
CA GLY A 71 -23.83 5.63 24.08
C GLY A 71 -25.07 6.37 23.61
N GLU A 72 -25.40 7.49 24.24
CA GLU A 72 -26.57 8.30 23.87
C GLU A 72 -26.40 9.06 22.53
N GLU A 73 -27.52 9.48 21.95
CA GLU A 73 -27.55 10.27 20.71
C GLU A 73 -26.98 11.66 21.00
N GLY A 74 -26.23 12.20 20.03
CA GLY A 74 -25.68 13.55 20.18
C GLY A 74 -26.72 14.61 19.84
N THR A 75 -27.23 15.28 20.88
CA THR A 75 -28.26 16.31 20.70
C THR A 75 -27.78 17.77 20.95
N SER A 76 -26.58 17.96 21.52
CA SER A 76 -26.12 19.30 21.82
C SER A 76 -24.63 19.50 21.77
N TRP A 77 -24.22 20.74 21.50
CA TRP A 77 -22.84 21.16 21.60
C TRP A 77 -22.77 22.12 22.78
N TYR A 78 -21.68 22.08 23.56
CA TYR A 78 -21.61 22.89 24.77
C TYR A 78 -20.33 23.69 24.84
N ILE A 79 -20.40 24.84 25.49
CA ILE A 79 -19.22 25.61 25.88
C ILE A 79 -19.29 25.77 27.36
N ILE A 80 -18.15 25.57 28.04
CA ILE A 80 -18.11 25.82 29.48
C ILE A 80 -17.87 27.30 29.73
N LEU A 81 -18.74 27.88 30.56
CA LEU A 81 -18.66 29.28 30.96
C LEU A 81 -18.07 29.37 32.34
N LYS A 82 -18.49 28.45 33.21
CA LYS A 82 -18.00 28.42 34.56
C LYS A 82 -17.89 26.99 35.08
N GLY A 83 -16.76 26.68 35.70
CA GLY A 83 -16.56 25.39 36.33
C GLY A 83 -15.79 24.45 35.42
N SER A 84 -16.08 23.16 35.58
CA SER A 84 -15.29 22.12 34.93
C SER A 84 -16.10 20.83 34.89
N VAL A 85 -15.74 19.96 33.95
CA VAL A 85 -16.41 18.69 33.76
C VAL A 85 -15.40 17.56 33.57
N ASN A 86 -15.79 16.35 33.94
CA ASN A 86 -15.00 15.15 33.69
C ASN A 86 -15.57 14.49 32.46
N VAL A 87 -14.68 14.09 31.56
CA VAL A 87 -14.98 13.19 30.42
C VAL A 87 -14.78 11.75 30.92
N VAL A 88 -15.85 10.95 30.98
CA VAL A 88 -15.82 9.64 31.63
C VAL A 88 -16.11 8.54 30.61
N ILE A 89 -15.25 7.52 30.55
CA ILE A 89 -15.42 6.42 29.57
C ILE A 89 -15.48 5.04 30.25
N TYR A 90 -16.47 4.22 29.92
CA TYR A 90 -16.58 2.88 30.51
C TYR A 90 -15.24 2.14 30.38
N GLY A 91 -14.73 1.60 31.48
CA GLY A 91 -13.49 0.83 31.47
C GLY A 91 -12.23 1.65 31.62
N LYS A 92 -12.37 2.98 31.67
CA LYS A 92 -11.22 3.86 31.87
C LYS A 92 -11.41 4.97 32.87
N GLY A 93 -12.63 5.19 33.34
CA GLY A 93 -12.86 6.25 34.32
C GLY A 93 -12.71 7.61 33.65
N VAL A 94 -12.22 8.58 34.41
CA VAL A 94 -12.04 9.96 33.93
C VAL A 94 -10.76 10.03 33.11
N VAL A 95 -10.95 10.32 31.84
CA VAL A 95 -9.93 10.29 30.80
C VAL A 95 -9.35 11.69 30.62
N CYS A 96 -10.17 12.71 30.85
CA CYS A 96 -9.72 14.08 30.95
C CYS A 96 -10.77 15.01 31.58
N THR A 97 -10.36 16.24 31.82
CA THR A 97 -11.24 17.22 32.43
C THR A 97 -11.18 18.45 31.55
N LEU A 98 -12.34 19.04 31.32
CA LEU A 98 -12.43 20.25 30.52
C LEU A 98 -12.77 21.41 31.47
N HIS A 99 -12.27 22.60 31.15
CA HIS A 99 -12.38 23.77 32.00
C HIS A 99 -13.04 24.95 31.27
N GLU A 100 -13.26 26.04 32.00
CA GLU A 100 -13.80 27.28 31.45
C GLU A 100 -13.15 27.62 30.10
N GLY A 101 -14.00 27.80 29.08
CA GLY A 101 -13.52 28.12 27.73
C GLY A 101 -13.46 26.94 26.76
N ASP A 102 -13.46 25.71 27.30
CA ASP A 102 -13.48 24.52 26.44
C ASP A 102 -14.89 24.24 25.93
N ASP A 103 -14.99 23.61 24.77
CA ASP A 103 -16.27 23.17 24.24
C ASP A 103 -16.24 21.65 24.09
N PHE A 104 -17.42 21.01 24.08
CA PHE A 104 -17.48 19.57 23.85
C PHE A 104 -18.82 19.15 23.22
N GLY A 105 -18.86 17.95 22.66
CA GLY A 105 -20.10 17.34 22.19
C GLY A 105 -20.35 17.49 20.71
N LYS A 106 -19.42 18.12 20.03
CA LYS A 106 -19.57 18.38 18.61
C LYS A 106 -19.50 17.09 17.77
N LEU A 107 -18.61 16.17 18.13
CA LEU A 107 -18.35 14.98 17.30
C LEU A 107 -19.59 14.09 17.05
N ALA A 108 -20.32 13.76 18.13
CA ALA A 108 -21.53 12.96 18.01
C ALA A 108 -22.59 13.66 17.14
N LEU A 109 -22.78 14.95 17.41
CA LEU A 109 -23.72 15.80 16.68
C LEU A 109 -23.47 15.75 15.19
N VAL A 110 -22.25 16.09 14.77
CA VAL A 110 -21.86 16.12 13.37
C VAL A 110 -21.79 14.75 12.66
N ASN A 111 -21.24 13.73 13.32
CA ASN A 111 -21.15 12.41 12.69
C ASN A 111 -22.42 11.59 12.83
N ASP A 112 -23.41 12.13 13.51
CA ASP A 112 -24.60 11.36 13.88
C ASP A 112 -24.20 10.00 14.47
N ALA A 113 -23.28 10.05 15.44
CA ALA A 113 -22.71 8.85 16.09
C ALA A 113 -23.07 8.87 17.57
N PRO A 114 -22.93 7.73 18.28
CA PRO A 114 -23.22 7.78 19.72
C PRO A 114 -22.17 8.60 20.48
N ARG A 115 -22.54 9.17 21.62
CA ARG A 115 -21.53 9.77 22.49
C ARG A 115 -20.46 8.71 22.81
N ALA A 116 -19.19 9.08 22.68
CA ALA A 116 -18.07 8.21 23.00
C ALA A 116 -17.63 8.32 24.49
N ALA A 117 -18.22 9.28 25.21
CA ALA A 117 -17.94 9.50 26.62
C ALA A 117 -19.17 10.10 27.32
N SER A 118 -19.28 9.88 28.64
CA SER A 118 -20.18 10.63 29.51
C SER A 118 -19.51 11.94 29.89
N ILE A 119 -20.31 12.97 30.15
CA ILE A 119 -19.82 14.24 30.69
C ILE A 119 -20.46 14.49 32.05
N VAL A 120 -19.62 14.65 33.07
CA VAL A 120 -20.10 14.76 34.46
C VAL A 120 -19.52 16.01 35.06
N LEU A 121 -20.37 16.81 35.70
CA LEU A 121 -19.92 18.00 36.40
C LEU A 121 -18.88 17.63 37.43
N ARG A 122 -17.74 18.32 37.39
CA ARG A 122 -16.64 18.07 38.30
C ARG A 122 -16.76 18.86 39.61
N GLU A 123 -17.48 19.99 39.56
CA GLU A 123 -17.65 20.86 40.71
C GLU A 123 -19.06 21.40 40.79
N ASP A 124 -19.36 22.03 41.94
CA ASP A 124 -20.63 22.69 42.16
C ASP A 124 -20.75 23.94 41.30
N ASN A 125 -21.97 24.20 40.85
CA ASN A 125 -22.34 25.42 40.12
C ASN A 125 -21.57 25.66 38.82
N CYS A 126 -21.93 24.91 37.80
CA CYS A 126 -21.31 25.05 36.49
C CYS A 126 -22.28 25.72 35.52
N HIS A 127 -21.77 26.62 34.68
CA HIS A 127 -22.60 27.31 33.68
C HIS A 127 -22.15 26.96 32.28
N PHE A 128 -23.11 26.78 31.40
CA PHE A 128 -22.84 26.36 30.05
C PHE A 128 -23.66 27.15 29.03
N LEU A 129 -23.06 27.36 27.87
CA LEU A 129 -23.77 27.74 26.68
C LEU A 129 -23.97 26.49 25.86
N ARG A 130 -25.20 26.26 25.43
CA ARG A 130 -25.56 25.09 24.66
C ARG A 130 -26.29 25.48 23.38
N VAL A 131 -25.93 24.80 22.29
CA VAL A 131 -26.60 24.93 21.01
C VAL A 131 -27.10 23.55 20.62
N ASP A 132 -28.41 23.44 20.37
CA ASP A 132 -29.03 22.15 20.06
C ASP A 132 -28.87 21.76 18.60
N LYS A 133 -29.15 20.51 18.28
CA LYS A 133 -28.73 19.91 17.00
C LYS A 133 -29.20 20.62 15.73
N GLU A 134 -30.50 20.86 15.59
CA GLU A 134 -31.01 21.41 14.32
C GLU A 134 -30.47 22.83 14.09
N ASP A 135 -30.36 23.59 15.18
CA ASP A 135 -29.69 24.90 15.18
C ASP A 135 -28.18 24.84 14.87
N PHE A 136 -27.47 23.86 15.47
CA PHE A 136 -26.05 23.64 15.16
C PHE A 136 -25.86 23.32 13.68
N ASN A 137 -26.67 22.42 13.15
CA ASN A 137 -26.52 22.05 11.76
C ASN A 137 -26.88 23.14 10.75
N ARG A 138 -27.88 23.97 11.05
CA ARG A 138 -28.14 25.09 10.13
C ARG A 138 -27.14 26.25 10.27
N ILE A 139 -26.67 26.55 11.47
CA ILE A 139 -25.75 27.67 11.68
C ILE A 139 -24.23 27.32 11.62
N LEU A 140 -23.83 26.23 12.28
CA LEU A 140 -22.42 25.97 12.58
C LEU A 140 -21.73 24.82 11.84
N ARG A 141 -22.47 24.03 11.08
CA ARG A 141 -21.94 22.77 10.52
C ARG A 141 -20.72 22.93 9.60
N ASP A 142 -20.74 23.91 8.70
CA ASP A 142 -19.58 24.13 7.84
C ASP A 142 -18.72 25.32 8.22
N VAL A 143 -18.83 25.72 9.48
CA VAL A 143 -18.16 26.91 9.97
C VAL A 143 -17.41 26.61 11.28
N GLU A 144 -18.01 25.79 12.14
CA GLU A 144 -17.36 25.30 13.36
C GLU A 144 -16.50 24.12 12.98
N ALA A 145 -15.39 24.42 12.30
CA ALA A 145 -14.64 23.41 11.58
C ALA A 145 -13.36 22.95 12.27
N ASN A 146 -13.16 23.36 13.52
CA ASN A 146 -12.06 22.88 14.37
C ASN A 146 -11.90 21.35 14.34
N THR A 147 -10.67 20.90 14.08
CA THR A 147 -10.27 19.51 14.35
C THR A 147 -10.88 19.02 15.67
N VAL A 148 -11.38 17.80 15.68
CA VAL A 148 -11.72 17.15 16.93
C VAL A 148 -10.49 16.40 17.43
N ARG A 149 -10.01 16.78 18.62
CA ARG A 149 -8.87 16.16 19.27
C ARG A 149 -9.30 15.53 20.57
N LEU A 150 -9.50 14.23 20.57
CA LEU A 150 -9.84 13.52 21.79
C LEU A 150 -8.57 13.25 22.60
N LYS A 151 -8.66 13.44 23.91
CA LYS A 151 -7.49 13.41 24.79
C LYS A 151 -7.65 12.44 25.97
N GLU A 152 -6.53 11.81 26.35
CA GLU A 152 -6.48 10.90 27.51
C GLU A 152 -5.16 11.09 28.23
N HIS A 153 -5.25 11.48 29.50
CA HIS A 153 -4.09 11.77 30.37
C HIS A 153 -3.10 12.74 29.71
N ASP A 154 -3.65 13.88 29.27
CA ASP A 154 -2.97 14.93 28.48
C ASP A 154 -2.16 14.57 27.23
N GLN A 155 -2.62 13.55 26.50
CA GLN A 155 -2.13 13.27 25.15
C GLN A 155 -3.29 13.05 24.18
N ASP A 156 -3.16 13.57 22.96
CA ASP A 156 -4.04 13.23 21.84
C ASP A 156 -4.08 11.71 21.61
N VAL A 157 -5.27 11.21 21.33
CA VAL A 157 -5.47 9.80 21.27
C VAL A 157 -6.26 9.51 19.99
N LEU A 158 -6.91 10.56 19.47
CA LEU A 158 -7.71 10.50 18.25
C LEU A 158 -7.88 11.91 17.70
N VAL A 159 -7.54 12.04 16.42
CA VAL A 159 -7.62 13.31 15.69
C VAL A 159 -8.52 13.07 14.48
N LEU A 160 -9.61 13.82 14.39
CA LEU A 160 -10.60 13.64 13.33
C LEU A 160 -10.82 14.99 12.63
N GLU A 161 -11.08 14.94 11.34
CA GLU A 161 -11.21 16.15 10.54
C GLU A 161 -12.23 16.02 9.44
N LYS A 162 -12.79 17.15 9.02
CA LYS A 162 -13.70 17.19 7.87
C LYS A 162 -12.91 17.04 6.58
N VAL A 163 -13.24 16.03 5.78
CA VAL A 163 -12.51 15.77 4.53
C VAL A 163 -13.43 15.90 3.31
N GLN A 179 -21.24 15.97 5.59
CA GLN A 179 -19.80 15.74 5.60
C GLN A 179 -19.26 15.55 7.04
N LYS A 180 -18.63 14.41 7.27
CA LYS A 180 -18.30 13.99 8.61
C LYS A 180 -16.83 14.24 8.96
N TYR A 181 -16.52 14.18 10.26
CA TYR A 181 -15.14 14.18 10.73
C TYR A 181 -14.61 12.76 10.56
N THR A 182 -13.57 12.57 9.77
CA THR A 182 -12.97 11.25 9.66
C THR A 182 -11.65 11.19 10.46
N VAL A 183 -11.27 9.98 10.85
CA VAL A 183 -10.05 9.73 11.61
C VAL A 183 -8.82 10.05 10.76
N MET A 184 -7.96 10.93 11.27
CA MET A 184 -6.73 11.28 10.61
C MET A 184 -5.58 10.56 11.26
N SER A 185 -5.60 10.51 12.58
CA SER A 185 -4.60 9.82 13.35
C SER A 185 -5.15 9.42 14.72
N GLY A 186 -4.44 8.49 15.37
CA GLY A 186 -4.79 8.04 16.73
C GLY A 186 -3.93 6.92 17.24
N THR A 187 -4.16 6.51 18.49
CA THR A 187 -3.50 5.31 19.02
C THR A 187 -4.25 4.09 18.49
N PRO A 188 -3.57 2.93 18.38
CA PRO A 188 -4.26 1.70 17.97
C PRO A 188 -5.52 1.43 18.81
N GLU A 189 -5.43 1.56 20.13
CA GLU A 189 -6.57 1.25 21.00
C GLU A 189 -7.74 2.20 20.78
N LYS A 190 -7.45 3.49 20.63
CA LYS A 190 -8.50 4.49 20.47
C LYS A 190 -9.14 4.35 19.09
N ILE A 191 -8.36 4.03 18.05
CA ILE A 191 -8.89 3.75 16.71
C ILE A 191 -9.85 2.55 16.71
N LEU A 192 -9.42 1.42 17.29
CA LEU A 192 -10.31 0.29 17.53
C LEU A 192 -11.60 0.69 18.26
N GLU A 193 -11.47 1.36 19.41
CA GLU A 193 -12.65 1.83 20.17
C GLU A 193 -13.60 2.65 19.29
N HIS A 194 -13.04 3.57 18.49
CA HIS A 194 -13.81 4.36 17.53
C HIS A 194 -14.57 3.51 16.51
N PHE A 195 -13.88 2.61 15.81
CA PHE A 195 -14.53 1.79 14.80
C PHE A 195 -15.54 0.80 15.37
N LEU A 196 -15.31 0.31 16.59
CA LEU A 196 -16.29 -0.56 17.27
C LEU A 196 -17.62 0.12 17.56
N GLU A 197 -17.55 1.26 18.24
CA GLU A 197 -18.69 2.06 18.70
C GLU A 197 -19.63 2.55 17.61
N THR A 198 -19.07 2.78 16.42
CA THR A 198 -19.77 3.43 15.33
C THR A 198 -20.37 2.41 14.36
N ILE A 199 -20.17 1.13 14.66
CA ILE A 199 -20.86 0.04 13.93
C ILE A 199 -22.39 0.23 14.04
N ARG A 200 -23.05 0.17 12.89
CA ARG A 200 -24.50 0.21 12.83
C ARG A 200 -25.02 -1.19 12.45
N LEU A 201 -25.91 -1.71 13.28
CA LEU A 201 -26.29 -3.11 13.20
C LEU A 201 -27.51 -3.40 12.31
N GLU A 202 -28.31 -2.36 12.07
CA GLU A 202 -29.46 -2.40 11.14
C GLU A 202 -29.08 -3.04 9.81
N PRO A 203 -29.81 -4.09 9.39
CA PRO A 203 -29.54 -4.81 8.12
C PRO A 203 -29.46 -3.92 6.87
N SER A 204 -30.30 -2.89 6.79
CA SER A 204 -30.29 -1.94 5.66
C SER A 204 -28.91 -1.23 5.52
N LEU A 205 -28.07 -1.39 6.53
CA LEU A 205 -26.76 -0.74 6.57
C LEU A 205 -25.55 -1.70 6.49
N ASN A 206 -25.83 -2.98 6.24
CA ASN A 206 -24.80 -4.03 6.11
C ASN A 206 -23.55 -3.64 5.32
N GLU A 207 -23.76 -3.19 4.09
CA GLU A 207 -22.70 -2.81 3.15
C GLU A 207 -21.95 -1.55 3.63
N ALA A 208 -22.69 -0.54 4.08
CA ALA A 208 -22.13 0.70 4.60
C ALA A 208 -21.24 0.49 5.84
N THR A 209 -21.74 -0.36 6.77
CA THR A 209 -21.03 -0.71 8.01
C THR A 209 -19.72 -1.45 7.73
N ASP A 210 -19.79 -2.45 6.84
CA ASP A 210 -18.62 -3.22 6.42
C ASP A 210 -17.57 -2.36 5.72
N SER A 211 -18.04 -1.43 4.89
CA SER A 211 -17.16 -0.51 4.18
C SER A 211 -16.36 0.37 5.15
N VAL A 212 -17.02 0.86 6.19
CA VAL A 212 -16.41 1.72 7.20
C VAL A 212 -15.31 0.96 7.99
N LEU A 213 -15.60 -0.29 8.34
CA LEU A 213 -14.66 -1.16 9.05
C LEU A 213 -13.45 -1.64 8.24
N ASN A 214 -13.54 -1.53 6.92
CA ASN A 214 -12.60 -2.24 6.04
C ASN A 214 -11.16 -1.73 6.16
N ASP A 215 -10.98 -0.42 6.27
CA ASP A 215 -9.63 0.13 6.42
C ASP A 215 -8.95 -0.46 7.65
N PHE A 216 -9.65 -0.51 8.78
CA PHE A 216 -9.06 -1.02 10.02
C PHE A 216 -8.76 -2.51 9.90
N VAL A 217 -9.73 -3.23 9.41
CA VAL A 217 -9.68 -4.68 9.29
C VAL A 217 -8.53 -5.10 8.37
N MET A 218 -8.32 -4.36 7.30
CA MET A 218 -7.20 -4.62 6.39
C MET A 218 -5.83 -4.15 6.91
N MET A 219 -5.76 -2.94 7.44
CA MET A 219 -4.49 -2.33 7.77
C MET A 219 -3.97 -2.55 9.18
N HIS A 220 -4.79 -3.14 10.07
CA HIS A 220 -4.38 -3.31 11.50
C HIS A 220 -3.07 -4.09 11.65
N CYS A 221 -2.77 -4.95 10.71
CA CYS A 221 -1.50 -5.72 10.77
C CYS A 221 -0.26 -4.83 10.86
N VAL A 222 -0.36 -3.62 10.34
CA VAL A 222 0.72 -2.65 10.40
C VAL A 222 0.84 -1.99 11.78
N PHE A 223 -0.29 -1.71 12.44
CA PHE A 223 -0.21 -0.91 13.66
C PHE A 223 -0.79 -1.60 14.91
N MET A 224 -1.54 -2.67 14.72
CA MET A 224 -2.12 -3.41 15.83
C MET A 224 -2.20 -4.89 15.46
N PRO A 225 -1.06 -5.58 15.49
CA PRO A 225 -1.10 -7.00 15.11
C PRO A 225 -1.98 -7.85 16.07
N ASN A 226 -2.35 -9.04 15.60
CA ASN A 226 -3.21 -9.95 16.36
C ASN A 226 -2.78 -10.18 17.80
N THR A 227 -1.48 -10.22 18.08
CA THR A 227 -1.01 -10.38 19.44
C THR A 227 -1.63 -9.32 20.36
N GLN A 228 -1.82 -8.10 19.85
CA GLN A 228 -2.47 -7.06 20.63
C GLN A 228 -4.00 -6.95 20.41
N LEU A 229 -4.41 -7.10 19.16
CA LEU A 229 -5.82 -7.00 18.77
C LEU A 229 -6.71 -8.08 19.38
N CYS A 230 -6.24 -9.32 19.40
CA CYS A 230 -7.08 -10.38 19.94
C CYS A 230 -7.43 -10.20 21.43
N PRO A 231 -6.44 -9.93 22.30
CA PRO A 231 -6.79 -9.60 23.68
C PRO A 231 -7.69 -8.37 23.87
N ALA A 232 -7.46 -7.33 23.06
CA ALA A 232 -8.31 -6.14 23.02
C ALA A 232 -9.75 -6.51 22.67
N LEU A 233 -9.93 -7.41 21.71
CA LEU A 233 -11.29 -7.81 21.32
C LEU A 233 -12.02 -8.58 22.42
N VAL A 234 -11.30 -9.47 23.12
CA VAL A 234 -11.85 -10.23 24.25
C VAL A 234 -12.24 -9.25 25.37
N ALA A 235 -11.36 -8.31 25.66
CA ALA A 235 -11.63 -7.29 26.68
C ALA A 235 -12.89 -6.48 26.34
N HIS A 236 -12.99 -6.07 25.08
CA HIS A 236 -14.18 -5.33 24.60
C HIS A 236 -15.44 -6.18 24.62
N TYR A 237 -15.35 -7.41 24.14
CA TYR A 237 -16.49 -8.32 24.26
C TYR A 237 -17.10 -8.37 25.68
N HIS A 238 -16.26 -8.34 26.70
CA HIS A 238 -16.71 -8.52 28.09
C HIS A 238 -16.89 -7.20 28.84
N ALA A 239 -16.81 -6.09 28.10
CA ALA A 239 -16.97 -4.77 28.71
C ALA A 239 -18.39 -4.54 29.22
N GLN A 240 -18.49 -3.87 30.36
CA GLN A 240 -19.78 -3.55 31.01
C GLN A 240 -19.83 -2.05 31.32
N PRO A 241 -21.00 -1.43 31.11
CA PRO A 241 -21.21 0.00 31.40
C PRO A 241 -21.15 0.29 32.89
N SER A 242 -20.74 1.49 33.24
CA SER A 242 -20.64 1.81 34.66
C SER A 242 -21.73 2.81 35.11
N GLN A 243 -22.81 2.91 34.33
CA GLN A 243 -23.86 3.89 34.52
C GLN A 243 -25.15 3.35 33.94
N GLY A 244 -26.28 3.62 34.61
CA GLY A 244 -27.61 3.32 34.06
C GLY A 244 -28.44 2.33 34.87
N THR A 245 -29.73 2.27 34.58
CA THR A 245 -30.62 1.34 35.24
C THR A 245 -30.21 -0.06 34.82
N GLU A 246 -30.75 -1.07 35.45
CA GLU A 246 -30.39 -2.42 35.08
C GLU A 246 -30.69 -2.72 33.60
N GLN A 247 -31.90 -2.39 33.13
CA GLN A 247 -32.26 -2.59 31.69
C GLN A 247 -31.34 -1.86 30.73
N GLU A 248 -31.08 -0.59 30.99
CA GLU A 248 -30.18 0.20 30.16
C GLU A 248 -28.80 -0.43 30.09
N ARG A 249 -28.29 -0.90 31.24
CA ARG A 249 -26.98 -1.55 31.29
C ARG A 249 -26.98 -2.83 30.50
N MET A 250 -28.04 -3.63 30.67
CA MET A 250 -28.20 -4.88 29.94
C MET A 250 -28.20 -4.67 28.42
N ASP A 251 -28.89 -3.62 27.96
CA ASP A 251 -29.07 -3.35 26.54
C ASP A 251 -27.80 -2.82 25.92
N TYR A 252 -27.12 -1.94 26.65
CA TYR A 252 -25.85 -1.42 26.21
C TYR A 252 -24.82 -2.54 26.00
N ALA A 253 -24.72 -3.44 26.96
CA ALA A 253 -23.70 -4.46 26.94
C ALA A 253 -24.03 -5.51 25.89
N LEU A 254 -25.32 -5.79 25.70
CA LEU A 254 -25.77 -6.67 24.62
C LEU A 254 -25.39 -6.13 23.22
N ASN A 255 -25.68 -4.86 22.96
CA ASN A 255 -25.32 -4.27 21.68
C ASN A 255 -23.81 -4.12 21.52
N ASN A 256 -23.09 -3.85 22.61
CA ASN A 256 -21.64 -3.87 22.59
C ASN A 256 -21.16 -5.21 22.07
N LYS A 257 -21.70 -6.32 22.59
CA LYS A 257 -21.30 -7.65 22.18
C LYS A 257 -21.64 -7.94 20.71
N ARG A 258 -22.81 -7.51 20.26
CA ARG A 258 -23.18 -7.61 18.82
C ARG A 258 -22.21 -6.86 17.92
N ARG A 259 -21.79 -5.68 18.34
CA ARG A 259 -20.75 -4.89 17.65
C ARG A 259 -19.39 -5.59 17.60
N VAL A 260 -18.92 -6.14 18.72
CA VAL A 260 -17.66 -6.90 18.70
C VAL A 260 -17.74 -8.10 17.77
N ILE A 261 -18.84 -8.84 17.84
CA ILE A 261 -19.06 -9.98 16.96
C ILE A 261 -18.99 -9.58 15.47
N ARG A 262 -19.69 -8.51 15.10
CA ARG A 262 -19.63 -7.93 13.75
C ARG A 262 -18.20 -7.66 13.27
N LEU A 263 -17.40 -7.01 14.12
CA LEU A 263 -16.01 -6.75 13.79
C LEU A 263 -15.19 -8.03 13.62
N VAL A 264 -15.38 -8.98 14.53
CA VAL A 264 -14.69 -10.28 14.41
C VAL A 264 -15.06 -10.95 13.09
N LEU A 265 -16.33 -10.90 12.73
CA LEU A 265 -16.76 -11.50 11.47
C LEU A 265 -16.05 -10.85 10.25
N GLN A 266 -15.94 -9.53 10.25
CA GLN A 266 -15.20 -8.82 9.19
C GLN A 266 -13.71 -9.13 9.20
N TRP A 267 -13.10 -9.16 10.39
CA TRP A 267 -11.70 -9.55 10.60
C TRP A 267 -11.44 -10.98 10.11
N ALA A 268 -12.27 -11.94 10.54
CA ALA A 268 -12.17 -13.33 10.07
C ALA A 268 -12.28 -13.51 8.55
N ALA A 269 -13.20 -12.75 7.94
CA ALA A 269 -13.44 -12.79 6.49
C ALA A 269 -12.24 -12.25 5.68
N MET A 270 -11.59 -11.20 6.19
CA MET A 270 -10.41 -10.60 5.56
C MET A 270 -9.26 -11.61 5.45
N TYR A 271 -9.06 -12.40 6.52
CA TYR A 271 -8.01 -13.40 6.49
C TYR A 271 -8.36 -14.61 5.64
N GLY A 272 -9.60 -15.09 5.73
CA GLY A 272 -10.01 -16.36 5.10
C GLY A 272 -9.09 -17.46 5.56
N ASP A 273 -8.47 -18.16 4.61
CA ASP A 273 -7.53 -19.26 4.91
C ASP A 273 -6.20 -18.88 5.55
N LEU A 274 -5.85 -17.59 5.51
CA LEU A 274 -4.63 -17.08 6.13
C LEU A 274 -4.59 -17.21 7.65
N LEU A 275 -5.77 -17.40 8.26
CA LEU A 275 -5.86 -17.61 9.73
C LEU A 275 -5.06 -18.78 10.26
N GLN A 276 -4.97 -19.85 9.48
CA GLN A 276 -4.16 -21.04 9.80
C GLN A 276 -2.67 -20.74 10.06
N GLU A 277 -2.18 -19.63 9.54
CA GLU A 277 -0.80 -19.20 9.71
C GLU A 277 -0.56 -18.50 11.05
N ASP A 278 -1.65 -18.18 11.73
CA ASP A 278 -1.59 -17.39 12.96
C ASP A 278 -2.25 -18.20 14.09
N ASP A 279 -1.43 -18.76 14.97
CA ASP A 279 -1.89 -19.61 16.06
C ASP A 279 -2.65 -18.84 17.12
N VAL A 280 -2.13 -17.65 17.47
CA VAL A 280 -2.80 -16.71 18.32
C VAL A 280 -4.22 -16.42 17.81
N ALA A 281 -4.33 -16.12 16.52
CA ALA A 281 -5.61 -15.73 15.92
C ALA A 281 -6.58 -16.91 15.83
N MET A 282 -6.07 -18.08 15.47
CA MET A 282 -6.88 -19.31 15.48
C MET A 282 -7.38 -19.66 16.88
N ALA A 283 -6.50 -19.57 17.87
CA ALA A 283 -6.89 -19.83 19.26
C ALA A 283 -7.91 -18.81 19.77
N PHE A 284 -7.71 -17.52 19.43
CA PHE A 284 -8.69 -16.48 19.76
C PHE A 284 -10.07 -16.81 19.22
N LEU A 285 -10.15 -17.18 17.95
CA LEU A 285 -11.43 -17.34 17.25
C LEU A 285 -12.18 -18.58 17.74
N GLU A 286 -11.44 -19.66 17.99
CA GLU A 286 -12.00 -20.87 18.57
C GLU A 286 -12.62 -20.58 19.96
N GLU A 287 -11.88 -19.90 20.82
CA GLU A 287 -12.38 -19.54 22.14
C GLU A 287 -13.53 -18.52 22.04
N PHE A 288 -13.47 -17.62 21.06
CA PHE A 288 -14.52 -16.61 20.85
C PHE A 288 -15.82 -17.25 20.40
N TYR A 289 -15.71 -18.27 19.57
CA TYR A 289 -16.88 -19.02 19.16
C TYR A 289 -17.58 -19.72 20.35
N VAL A 290 -16.77 -20.30 21.24
CA VAL A 290 -17.27 -20.90 22.49
C VAL A 290 -17.97 -19.84 23.37
N SER A 291 -17.34 -18.69 23.57
CA SER A 291 -17.96 -17.58 24.29
C SER A 291 -19.31 -17.17 23.73
N VAL A 292 -19.38 -16.96 22.42
CA VAL A 292 -20.60 -16.51 21.78
C VAL A 292 -21.72 -17.57 21.78
N SER A 293 -21.37 -18.83 21.57
CA SER A 293 -22.42 -19.85 21.60
C SER A 293 -22.96 -20.08 23.00
N ASP A 294 -22.08 -20.02 24.02
CA ASP A 294 -22.54 -20.05 25.42
C ASP A 294 -23.42 -18.86 25.74
N ASP A 295 -22.96 -17.67 25.35
CA ASP A 295 -23.72 -16.45 25.62
C ASP A 295 -25.05 -16.42 24.84
N ALA A 296 -25.04 -16.90 23.61
CA ALA A 296 -26.25 -16.94 22.76
C ALA A 296 -27.37 -17.69 23.48
N ARG A 297 -27.03 -18.87 23.99
CA ARG A 297 -27.92 -19.71 24.77
C ARG A 297 -28.45 -19.04 26.04
N MET A 298 -27.52 -18.64 26.91
CA MET A 298 -27.83 -18.02 28.17
C MET A 298 -28.53 -16.66 28.06
N MET A 299 -28.22 -15.87 27.05
CA MET A 299 -28.83 -14.54 26.91
C MET A 299 -29.95 -14.53 25.85
N ALA A 300 -30.12 -15.63 25.10
CA ALA A 300 -31.05 -15.72 23.97
C ALA A 300 -30.84 -14.56 22.98
N ALA A 301 -29.64 -14.53 22.41
CA ALA A 301 -29.19 -13.43 21.59
C ALA A 301 -28.37 -14.03 20.46
N PHE A 302 -27.96 -13.17 19.52
CA PHE A 302 -27.02 -13.54 18.43
C PHE A 302 -27.60 -14.59 17.49
N LYS A 303 -28.89 -14.51 17.23
CA LYS A 303 -29.57 -15.51 16.42
C LYS A 303 -29.04 -15.55 15.00
N GLU A 304 -28.84 -14.36 14.41
CA GLU A 304 -28.28 -14.24 13.06
C GLU A 304 -26.74 -14.40 13.03
N GLN A 305 -26.06 -13.81 14.00
CA GLN A 305 -24.58 -13.76 14.01
C GLN A 305 -23.91 -15.07 14.39
N LEU A 306 -24.57 -15.87 15.23
CA LEU A 306 -23.97 -17.15 15.69
C LEU A 306 -23.71 -18.18 14.59
N PRO A 307 -24.70 -18.42 13.69
CA PRO A 307 -24.46 -19.31 12.54
C PRO A 307 -23.38 -18.78 11.58
N GLU A 308 -23.36 -17.46 11.34
CA GLU A 308 -22.32 -16.83 10.52
C GLU A 308 -20.93 -17.18 11.08
N LEU A 309 -20.80 -17.08 12.40
CA LEU A 309 -19.56 -17.37 13.11
C LEU A 309 -19.21 -18.86 13.12
N GLU A 310 -20.24 -19.70 13.08
CA GLU A 310 -20.08 -21.17 13.07
C GLU A 310 -19.47 -21.68 11.76
N LYS A 311 -19.89 -21.09 10.64
CA LYS A 311 -19.33 -21.38 9.31
C LYS A 311 -17.81 -21.31 9.29
N ILE A 312 -17.28 -20.17 9.72
CA ILE A 312 -15.85 -19.87 9.78
C ILE A 312 -15.05 -20.86 10.64
N VAL A 313 -15.62 -21.32 11.75
CA VAL A 313 -14.97 -22.34 12.56
C VAL A 313 -15.43 -23.72 12.10
N ARG A 344 -4.16 -24.00 -10.14
CA ARG A 344 -3.42 -23.31 -9.09
C ARG A 344 -4.27 -23.07 -7.84
N GLN A 345 -3.78 -23.62 -6.73
CA GLN A 345 -4.24 -23.32 -5.37
C GLN A 345 -3.19 -22.44 -4.69
N PRO A 346 -3.60 -21.51 -3.81
CA PRO A 346 -2.64 -20.61 -3.18
C PRO A 346 -1.55 -21.33 -2.39
N ILE A 347 -0.33 -20.86 -2.51
CA ILE A 347 0.74 -21.33 -1.65
C ILE A 347 0.58 -20.71 -0.25
N ARG A 348 0.85 -21.49 0.80
CA ARG A 348 0.76 -21.00 2.18
C ARG A 348 2.16 -20.97 2.77
N GLY A 349 2.37 -20.08 3.73
CA GLY A 349 3.67 -19.91 4.37
C GLY A 349 4.16 -21.12 5.13
N SER A 350 3.20 -21.94 5.60
CA SER A 350 3.51 -23.20 6.30
C SER A 350 3.62 -24.43 5.37
N ASP A 351 3.28 -24.29 4.08
CA ASP A 351 3.56 -25.33 3.09
C ASP A 351 5.05 -25.61 3.11
N GLU A 352 5.44 -26.85 2.84
CA GLU A 352 6.86 -27.17 2.81
C GLU A 352 7.38 -27.20 1.39
N VAL A 353 8.61 -26.71 1.22
CA VAL A 353 9.28 -26.77 -0.08
C VAL A 353 10.46 -27.71 -0.01
N LEU A 354 10.71 -28.41 -1.10
CA LEU A 354 11.98 -29.09 -1.32
C LEU A 354 12.82 -28.18 -2.23
N PHE A 355 13.86 -27.59 -1.68
CA PHE A 355 14.59 -26.59 -2.41
C PHE A 355 16.07 -26.92 -2.53
N LYS A 356 16.62 -26.78 -3.74
CA LYS A 356 18.06 -26.99 -3.96
C LYS A 356 18.88 -25.73 -3.69
N VAL A 357 19.92 -25.90 -2.89
CA VAL A 357 20.79 -24.80 -2.55
C VAL A 357 22.18 -25.21 -2.99
N TYR A 358 22.82 -24.39 -3.85
CA TYR A 358 24.08 -24.81 -4.51
C TYR A 358 25.37 -24.45 -3.78
N CYS A 359 26.39 -25.32 -3.94
CA CYS A 359 27.79 -25.01 -3.62
C CYS A 359 28.51 -24.38 -4.81
N ILE A 360 29.68 -23.79 -4.53
CA ILE A 360 30.57 -23.22 -5.54
C ILE A 360 30.91 -24.26 -6.62
N ASP A 361 31.07 -25.53 -6.24
CA ASP A 361 31.39 -26.57 -7.22
C ASP A 361 30.19 -27.13 -8.00
N HIS A 362 29.05 -26.48 -7.80
CA HIS A 362 27.80 -26.76 -8.47
C HIS A 362 27.12 -28.07 -8.08
N THR A 363 27.63 -28.73 -7.04
CA THR A 363 26.81 -29.70 -6.32
C THR A 363 25.80 -28.88 -5.51
N TYR A 364 24.79 -29.57 -4.98
CA TYR A 364 23.77 -28.92 -4.21
C TYR A 364 23.24 -29.79 -3.06
N THR A 365 22.64 -29.11 -2.08
CA THR A 365 21.89 -29.73 -1.01
C THR A 365 20.41 -29.48 -1.27
N THR A 366 19.59 -30.48 -1.00
CA THR A 366 18.15 -30.32 -1.01
C THR A 366 17.64 -30.17 0.42
N ILE A 367 17.07 -29.00 0.74
CA ILE A 367 16.49 -28.74 2.07
C ILE A 367 14.97 -28.84 1.99
N ARG A 368 14.34 -29.08 3.13
CA ARG A 368 12.90 -29.22 3.24
C ARG A 368 12.51 -28.33 4.41
N VAL A 369 11.89 -27.18 4.08
CA VAL A 369 11.62 -26.12 5.03
C VAL A 369 10.29 -25.46 4.66
N PRO A 370 9.68 -24.73 5.63
CA PRO A 370 8.42 -24.03 5.30
C PRO A 370 8.67 -22.96 4.24
N VAL A 371 7.67 -22.70 3.41
CA VAL A 371 7.78 -21.63 2.41
C VAL A 371 8.20 -20.30 3.06
N ALA A 372 7.66 -20.01 4.24
CA ALA A 372 7.95 -18.74 4.94
C ALA A 372 9.25 -18.74 5.74
N ALA A 373 10.10 -19.74 5.56
CA ALA A 373 11.39 -19.81 6.27
C ALA A 373 12.24 -18.57 6.04
N SER A 374 12.90 -18.10 7.09
CA SER A 374 13.85 -17.01 7.00
C SER A 374 15.20 -17.52 6.46
N VAL A 375 16.05 -16.58 6.03
CA VAL A 375 17.38 -16.94 5.53
C VAL A 375 18.19 -17.69 6.60
N LYS A 376 18.10 -17.25 7.85
CA LYS A 376 18.72 -17.95 8.99
C LYS A 376 18.28 -19.42 9.08
N GLU A 377 16.99 -19.68 8.89
CA GLU A 377 16.46 -21.05 8.85
C GLU A 377 16.96 -21.86 7.65
N VAL A 378 17.17 -21.20 6.51
CA VAL A 378 17.74 -21.84 5.34
C VAL A 378 19.19 -22.25 5.63
N ILE A 379 19.96 -21.33 6.19
CA ILE A 379 21.37 -21.57 6.47
C ILE A 379 21.50 -22.76 7.42
N SER A 380 20.70 -22.75 8.48
CA SER A 380 20.74 -23.83 9.47
C SER A 380 20.38 -25.19 8.85
N ALA A 381 19.38 -25.24 7.99
CA ALA A 381 19.03 -26.48 7.28
C ALA A 381 20.16 -27.00 6.37
N VAL A 382 20.88 -26.08 5.72
CA VAL A 382 21.99 -26.44 4.82
C VAL A 382 23.13 -26.99 5.64
N ALA A 383 23.42 -26.33 6.76
CA ALA A 383 24.44 -26.79 7.70
C ALA A 383 24.13 -28.16 8.32
N ASP A 384 22.87 -28.45 8.62
CA ASP A 384 22.47 -29.81 9.02
C ASP A 384 22.91 -30.87 8.00
N LYS A 385 22.75 -30.59 6.71
CA LYS A 385 23.07 -31.57 5.68
C LYS A 385 24.53 -31.60 5.21
N LEU A 386 25.25 -30.49 5.36
CA LEU A 386 26.66 -30.45 4.98
C LEU A 386 27.56 -30.65 6.18
N GLY A 387 26.94 -30.73 7.36
CA GLY A 387 27.64 -30.95 8.63
C GLY A 387 28.70 -29.91 8.90
N SER A 388 28.34 -28.64 8.74
CA SER A 388 29.32 -27.57 8.81
C SER A 388 29.15 -26.64 10.02
N GLY A 389 30.24 -25.94 10.35
CA GLY A 389 30.22 -24.77 11.24
C GLY A 389 31.08 -23.66 10.65
N GLU A 390 31.03 -23.52 9.32
CA GLU A 390 31.93 -22.63 8.58
C GLU A 390 31.25 -21.41 7.95
N GLY A 391 30.41 -20.72 8.72
CA GLY A 391 29.89 -19.39 8.37
C GLY A 391 29.39 -19.14 6.96
N LEU A 392 28.33 -19.85 6.58
CA LEU A 392 27.67 -19.70 5.30
C LEU A 392 26.92 -18.39 5.14
N ILE A 393 26.95 -17.84 3.93
CA ILE A 393 26.03 -16.80 3.51
C ILE A 393 25.17 -17.33 2.34
N ILE A 394 23.97 -16.78 2.19
CA ILE A 394 23.09 -17.15 1.08
C ILE A 394 23.17 -16.03 0.05
N VAL A 395 23.45 -16.42 -1.19
CA VAL A 395 23.48 -15.48 -2.31
C VAL A 395 22.55 -15.95 -3.42
N LYS A 396 21.75 -15.01 -3.89
CA LYS A 396 20.97 -15.18 -5.11
C LYS A 396 21.92 -14.91 -6.28
N MET A 397 21.87 -15.78 -7.26
CA MET A 397 22.62 -15.57 -8.49
C MET A 397 21.74 -15.63 -9.74
N ASN A 398 21.83 -14.57 -10.54
CA ASN A 398 21.11 -14.45 -11.82
C ASN A 398 21.88 -15.16 -12.90
N SER A 399 21.18 -15.47 -14.00
CA SER A 399 21.80 -16.14 -15.17
C SER A 399 22.94 -15.30 -15.79
N GLY A 400 22.86 -13.98 -15.66
CA GLY A 400 23.95 -13.10 -16.09
C GLY A 400 25.11 -12.97 -15.13
N GLY A 401 25.10 -13.72 -14.02
CA GLY A 401 26.20 -13.74 -13.04
C GLY A 401 26.12 -12.66 -11.97
N GLU A 402 25.04 -11.90 -11.97
CA GLU A 402 24.82 -10.86 -10.97
C GLU A 402 24.38 -11.53 -9.64
N LYS A 403 25.03 -11.10 -8.57
CA LYS A 403 24.94 -11.73 -7.25
C LYS A 403 24.47 -10.74 -6.20
N VAL A 404 23.60 -11.23 -5.30
CA VAL A 404 23.07 -10.47 -4.18
C VAL A 404 23.18 -11.35 -2.92
N VAL A 405 23.87 -10.83 -1.90
CA VAL A 405 23.92 -11.47 -0.57
C VAL A 405 22.59 -11.22 0.17
N LEU A 406 21.98 -12.29 0.64
CA LEU A 406 20.74 -12.16 1.42
C LEU A 406 21.01 -11.93 2.92
N LYS A 407 20.10 -11.22 3.57
CA LYS A 407 20.21 -10.99 5.01
C LYS A 407 19.51 -12.08 5.82
N SER A 408 20.10 -12.42 6.97
CA SER A 408 19.57 -13.46 7.86
C SER A 408 18.09 -13.27 8.17
N ASN A 409 17.74 -11.99 8.17
CA ASN A 409 16.44 -11.42 8.37
C ASN A 409 15.39 -11.73 7.28
N ASP A 410 15.86 -11.89 6.04
CA ASP A 410 14.96 -12.01 4.88
C ASP A 410 14.11 -13.26 5.03
N VAL A 411 12.80 -13.15 4.76
CA VAL A 411 11.94 -14.33 4.84
C VAL A 411 11.34 -14.67 3.47
N SER A 412 11.04 -15.95 3.27
CA SER A 412 10.35 -16.43 2.08
C SER A 412 11.03 -15.94 0.79
N VAL A 413 12.32 -16.22 0.68
CA VAL A 413 13.12 -15.72 -0.42
C VAL A 413 13.02 -16.55 -1.70
N PHE A 414 12.52 -17.80 -1.60
CA PHE A 414 12.48 -18.77 -2.72
C PHE A 414 11.77 -18.28 -3.97
N THR A 415 10.68 -17.55 -3.77
CA THR A 415 9.88 -17.08 -4.88
C THR A 415 10.30 -15.68 -5.34
N THR A 416 11.35 -15.12 -4.73
CA THR A 416 11.84 -13.82 -5.17
C THR A 416 13.07 -13.90 -6.10
N LEU A 417 13.48 -15.11 -6.47
CA LEU A 417 14.55 -15.33 -7.45
C LEU A 417 14.05 -14.85 -8.82
N THR A 418 14.95 -14.33 -9.67
CA THR A 418 14.62 -14.12 -11.08
C THR A 418 14.22 -15.46 -11.72
N ILE A 419 13.61 -15.40 -12.90
CA ILE A 419 13.16 -16.59 -13.67
C ILE A 419 14.15 -17.76 -13.65
N ASN A 420 15.41 -17.46 -13.90
CA ASN A 420 16.44 -18.47 -13.97
C ASN A 420 17.47 -18.30 -12.84
N GLY A 421 17.07 -17.60 -11.78
CA GLY A 421 17.93 -17.44 -10.60
C GLY A 421 18.10 -18.75 -9.88
N ARG A 422 19.21 -18.83 -9.13
CA ARG A 422 19.48 -19.94 -8.19
C ARG A 422 20.00 -19.37 -6.85
N LEU A 423 19.89 -20.18 -5.82
CA LEU A 423 20.39 -19.86 -4.49
C LEU A 423 21.66 -20.64 -4.21
N PHE A 424 22.70 -19.91 -3.77
CA PHE A 424 23.97 -20.52 -3.40
C PHE A 424 24.17 -20.32 -1.90
N ALA A 425 24.82 -21.28 -1.25
CA ALA A 425 25.33 -21.12 0.13
C ALA A 425 26.83 -21.26 0.08
N CYS A 426 27.53 -20.30 0.69
CA CYS A 426 28.99 -20.31 0.64
C CYS A 426 29.62 -19.44 1.73
N PRO A 427 30.85 -19.76 2.15
CA PRO A 427 31.57 -18.79 2.99
C PRO A 427 31.83 -17.48 2.22
N ARG A 428 31.92 -16.35 2.92
CA ARG A 428 32.05 -15.03 2.29
C ARG A 428 33.20 -14.91 1.29
N GLU A 429 34.27 -15.68 1.55
CA GLU A 429 35.49 -15.63 0.74
C GLU A 429 35.24 -16.19 -0.67
N GLN A 430 34.12 -16.87 -0.85
CA GLN A 430 33.82 -17.48 -2.16
C GLN A 430 32.90 -16.61 -3.00
N PHE A 431 32.39 -15.52 -2.43
CA PHE A 431 31.40 -14.67 -3.12
C PHE A 431 31.80 -14.25 -4.55
N ASP A 432 33.03 -13.77 -4.73
CA ASP A 432 33.46 -13.20 -6.02
C ASP A 432 33.79 -14.28 -7.08
N SER A 433 33.93 -15.52 -6.65
CA SER A 433 34.32 -16.61 -7.53
C SER A 433 33.15 -17.48 -7.99
N LEU A 434 31.95 -17.28 -7.41
CA LEU A 434 30.75 -17.98 -7.85
C LEU A 434 30.48 -17.72 -9.33
N THR A 435 29.98 -18.75 -10.00
CA THR A 435 29.72 -18.67 -11.45
C THR A 435 28.40 -19.39 -11.71
N PRO A 436 27.61 -18.89 -12.69
CA PRO A 436 26.32 -19.51 -12.89
C PRO A 436 26.35 -20.93 -13.49
N LEU A 437 25.24 -21.64 -13.28
CA LEU A 437 25.07 -23.00 -13.75
C LEU A 437 24.54 -22.97 -15.20
N PRO A 438 24.95 -23.97 -16.01
CA PRO A 438 24.41 -24.13 -17.36
C PRO A 438 22.90 -24.09 -17.41
N GLU A 439 22.22 -24.70 -16.44
CA GLU A 439 20.77 -24.72 -16.41
C GLU A 439 20.13 -23.34 -16.29
N GLN A 440 20.88 -22.35 -15.81
CA GLN A 440 20.36 -21.00 -15.76
C GLN A 440 20.34 -20.30 -17.12
N GLU A 441 21.03 -20.84 -18.11
CA GLU A 441 21.27 -20.07 -19.34
C GLU A 441 20.17 -20.17 -20.40
N GLY A 442 19.18 -21.04 -20.17
CA GLY A 442 18.00 -21.06 -21.02
C GLY A 442 18.15 -21.88 -22.29
N PRO A 443 17.08 -21.95 -23.11
CA PRO A 443 17.10 -22.81 -24.30
C PRO A 443 18.04 -22.31 -25.40
N THR A 444 18.53 -23.24 -26.22
CA THR A 444 19.31 -22.87 -27.42
C THR A 444 18.56 -23.14 -28.73
N THR A 445 17.39 -23.74 -28.64
CA THR A 445 16.53 -23.96 -29.82
C THR A 445 15.11 -23.46 -29.57
N GLY A 446 14.53 -22.84 -30.58
CA GLY A 446 13.14 -22.30 -30.55
C GLY A 446 12.05 -23.34 -30.32
N THR A 447 10.82 -22.85 -30.18
CA THR A 447 9.64 -23.72 -30.01
C THR A 447 8.54 -23.24 -30.99
N VAL A 448 8.93 -22.37 -31.91
CA VAL A 448 8.08 -21.90 -33.00
C VAL A 448 7.27 -23.03 -33.70
N GLY A 449 7.94 -24.14 -34.00
CA GLY A 449 7.28 -25.32 -34.57
C GLY A 449 6.11 -25.84 -33.76
N THR A 450 6.05 -25.46 -32.48
CA THR A 450 4.94 -25.88 -31.63
C THR A 450 3.82 -24.86 -31.60
N PHE A 451 4.14 -23.61 -31.28
CA PHE A 451 3.09 -22.63 -31.01
C PHE A 451 2.64 -21.85 -32.25
N GLU A 452 3.38 -22.04 -33.34
CA GLU A 452 3.04 -21.49 -34.65
C GLU A 452 1.74 -22.12 -35.13
N LEU A 453 1.56 -23.37 -34.74
CA LEU A 453 0.45 -24.23 -35.10
C LEU A 453 -0.70 -24.04 -34.13
N MET A 454 -0.58 -23.02 -33.28
CA MET A 454 -1.63 -22.71 -32.33
C MET A 454 -2.16 -21.36 -32.69
N SER A 455 -3.48 -21.25 -32.59
CA SER A 455 -4.17 -20.02 -32.88
C SER A 455 -3.75 -18.93 -31.92
N SER A 456 -3.57 -17.73 -32.44
CA SER A 456 -3.39 -16.51 -31.67
C SER A 456 -4.41 -16.38 -30.54
N LYS A 457 -5.68 -16.68 -30.87
CA LYS A 457 -6.80 -16.62 -29.93
C LYS A 457 -6.70 -17.69 -28.84
N ASP A 458 -6.38 -18.93 -29.20
CA ASP A 458 -6.22 -20.00 -28.21
C ASP A 458 -5.08 -19.71 -27.23
N LEU A 459 -3.98 -19.17 -27.75
CA LEU A 459 -2.80 -18.85 -26.95
C LEU A 459 -3.17 -17.76 -25.93
N ALA A 460 -3.73 -16.67 -26.42
CA ALA A 460 -4.13 -15.53 -25.59
C ALA A 460 -5.16 -15.92 -24.55
N TYR A 461 -6.04 -16.85 -24.91
CA TYR A 461 -7.08 -17.27 -24.00
C TYR A 461 -6.50 -18.18 -22.90
N GLN A 462 -5.64 -19.10 -23.28
CA GLN A 462 -5.00 -19.99 -22.32
C GLN A 462 -4.02 -19.23 -21.41
N MET A 463 -3.39 -18.20 -21.97
CA MET A 463 -2.54 -17.29 -21.21
C MET A 463 -3.36 -16.58 -20.13
N THR A 464 -4.54 -16.06 -20.52
CA THR A 464 -5.40 -15.26 -19.66
C THR A 464 -6.04 -16.10 -18.57
N THR A 465 -6.43 -17.32 -18.91
CA THR A 465 -6.88 -18.31 -17.96
C THR A 465 -5.82 -18.64 -16.88
N TYR A 466 -4.60 -18.96 -17.30
CA TYR A 466 -3.51 -19.20 -16.37
C TYR A 466 -3.19 -17.94 -15.53
N ASP A 467 -3.22 -16.78 -16.17
CA ASP A 467 -2.98 -15.51 -15.49
C ASP A 467 -4.03 -15.24 -14.38
N TRP A 468 -5.29 -15.63 -14.64
CA TRP A 468 -6.38 -15.52 -13.65
C TRP A 468 -6.23 -16.45 -12.49
N GLU A 469 -5.76 -17.67 -12.72
CA GLU A 469 -5.43 -18.55 -11.60
C GLU A 469 -4.34 -17.97 -10.69
N LEU A 470 -3.33 -17.39 -11.30
CA LEU A 470 -2.19 -16.82 -10.59
C LEU A 470 -2.60 -15.56 -9.82
N PHE A 471 -3.37 -14.69 -10.47
CA PHE A 471 -3.88 -13.45 -9.89
C PHE A 471 -4.88 -13.70 -8.75
N ASN A 472 -5.77 -14.68 -8.91
CA ASN A 472 -6.69 -15.05 -7.82
C ASN A 472 -6.02 -15.76 -6.66
N CYS A 473 -4.81 -16.25 -6.85
CA CYS A 473 -4.08 -16.87 -5.77
C CYS A 473 -3.48 -15.86 -4.79
N VAL A 474 -3.36 -14.60 -5.23
CA VAL A 474 -2.75 -13.54 -4.44
C VAL A 474 -3.79 -13.00 -3.45
N HIS A 475 -3.53 -13.19 -2.15
CA HIS A 475 -4.35 -12.61 -1.09
C HIS A 475 -4.05 -11.12 -1.00
N GLU A 476 -5.10 -10.30 -0.84
CA GLU A 476 -4.96 -8.86 -0.63
C GLU A 476 -3.94 -8.45 0.42
N LEU A 477 -3.79 -9.27 1.46
CA LEU A 477 -2.84 -8.98 2.52
C LEU A 477 -1.40 -9.06 2.08
N GLU A 478 -1.11 -9.93 1.10
CA GLU A 478 0.25 -10.01 0.51
C GLU A 478 0.72 -8.69 -0.09
N LEU A 479 -0.20 -7.90 -0.62
CA LEU A 479 0.13 -6.57 -1.14
C LEU A 479 0.61 -5.62 -0.03
N ILE A 480 -0.01 -5.75 1.15
CA ILE A 480 0.40 -5.00 2.35
C ILE A 480 1.75 -5.50 2.81
N TYR A 481 1.92 -6.83 2.94
CA TYR A 481 3.19 -7.40 3.43
C TYR A 481 4.36 -7.05 2.53
N HIS A 482 4.11 -7.08 1.23
CA HIS A 482 5.13 -6.79 0.24
C HIS A 482 5.56 -5.32 0.30
N THR A 483 4.60 -4.45 0.54
CA THR A 483 4.86 -3.00 0.59
C THR A 483 5.65 -2.59 1.84
N PHE A 484 5.18 -3.04 3.01
CA PHE A 484 5.79 -2.67 4.26
C PHE A 484 7.00 -3.54 4.63
N GLY A 485 7.28 -4.58 3.85
CA GLY A 485 8.45 -5.42 4.13
C GLY A 485 8.07 -6.70 4.84
N ARG A 486 8.38 -7.82 4.20
CA ARG A 486 8.06 -9.19 4.63
C ARG A 486 8.56 -9.56 6.04
N HIS A 487 9.75 -9.10 6.40
CA HIS A 487 10.35 -9.46 7.69
C HIS A 487 9.59 -8.84 8.87
N ASN A 488 8.87 -7.75 8.60
CA ASN A 488 8.05 -7.10 9.60
C ASN A 488 6.83 -7.93 9.98
N PHE A 489 6.53 -8.96 9.19
CA PHE A 489 5.35 -9.78 9.44
C PHE A 489 5.70 -11.24 9.53
N LYS A 490 6.86 -11.58 8.98
CA LYS A 490 7.31 -12.96 8.86
C LYS A 490 6.27 -13.79 8.10
N LYS A 491 5.68 -13.15 7.09
CA LYS A 491 4.73 -13.79 6.21
C LYS A 491 5.30 -13.91 4.80
N THR A 492 4.87 -14.97 4.10
CA THR A 492 5.16 -15.15 2.68
C THR A 492 4.35 -14.19 1.81
N THR A 493 4.93 -13.80 0.69
CA THR A 493 4.16 -13.17 -0.38
C THR A 493 4.34 -14.02 -1.65
N ALA A 494 4.51 -15.34 -1.46
CA ALA A 494 4.80 -16.32 -2.53
C ALA A 494 3.91 -16.20 -3.76
N ASN A 495 2.60 -16.02 -3.52
CA ASN A 495 1.63 -15.88 -4.58
C ASN A 495 1.80 -14.58 -5.39
N LEU A 496 2.03 -13.49 -4.69
CA LEU A 496 2.30 -12.23 -5.35
C LEU A 496 3.62 -12.32 -6.14
N ASP A 497 4.67 -12.84 -5.51
CA ASP A 497 5.98 -13.06 -6.13
C ASP A 497 5.90 -13.80 -7.48
N LEU A 498 5.15 -14.90 -7.51
CA LEU A 498 5.03 -15.74 -8.71
C LEU A 498 4.18 -15.09 -9.79
N PHE A 499 3.15 -14.36 -9.35
CA PHE A 499 2.38 -13.57 -10.28
C PHE A 499 3.18 -12.39 -10.87
N LEU A 500 4.00 -11.72 -10.06
CA LEU A 500 4.90 -10.69 -10.59
C LEU A 500 5.95 -11.22 -11.56
N ARG A 501 6.44 -12.42 -11.30
CA ARG A 501 7.48 -13.02 -12.13
C ARG A 501 6.95 -13.42 -13.52
N ARG A 502 5.66 -13.71 -13.57
CA ARG A 502 4.94 -14.05 -14.80
C ARG A 502 5.06 -12.93 -15.81
N PHE A 503 5.07 -11.69 -15.33
CA PHE A 503 5.20 -10.57 -16.25
C PHE A 503 6.54 -10.65 -17.02
N ASN A 504 7.63 -10.87 -16.27
CA ASN A 504 8.95 -11.07 -16.87
C ASN A 504 9.09 -12.31 -17.73
N GLU A 505 8.44 -13.41 -17.34
CA GLU A 505 8.48 -14.66 -18.09
C GLU A 505 7.90 -14.48 -19.51
N ILE A 506 6.72 -13.84 -19.59
CA ILE A 506 6.05 -13.54 -20.87
C ILE A 506 6.89 -12.62 -21.72
N GLN A 507 7.36 -11.55 -21.12
CA GLN A 507 8.24 -10.64 -21.78
C GLN A 507 9.48 -11.32 -22.41
N PHE A 508 10.15 -12.18 -21.62
CA PHE A 508 11.38 -12.83 -22.06
C PHE A 508 11.11 -13.99 -23.03
N TRP A 509 9.92 -14.62 -22.92
CA TRP A 509 9.38 -15.56 -23.92
C TRP A 509 9.40 -14.96 -25.34
N VAL A 510 8.82 -13.77 -25.48
CA VAL A 510 8.85 -13.02 -26.73
C VAL A 510 10.29 -12.85 -27.26
N VAL A 511 11.16 -12.27 -26.43
CA VAL A 511 12.54 -11.99 -26.84
C VAL A 511 13.28 -13.29 -27.21
N THR A 512 13.10 -14.32 -26.38
CA THR A 512 13.69 -15.64 -26.59
C THR A 512 13.34 -16.22 -27.98
N GLU A 513 12.04 -16.29 -28.27
CA GLU A 513 11.57 -16.87 -29.52
C GLU A 513 11.97 -16.06 -30.75
N VAL A 514 11.89 -14.74 -30.68
CA VAL A 514 12.39 -13.91 -31.77
C VAL A 514 13.89 -14.15 -32.00
N CYS A 515 14.69 -14.10 -30.93
CA CYS A 515 16.16 -14.21 -31.03
C CYS A 515 16.68 -15.59 -31.42
N LEU A 516 15.89 -16.63 -31.17
CA LEU A 516 16.23 -18.00 -31.57
C LEU A 516 15.73 -18.38 -32.98
N CYS A 517 15.07 -17.43 -33.66
CA CYS A 517 14.48 -17.63 -34.99
C CYS A 517 15.43 -17.13 -36.11
N SER A 518 16.21 -18.05 -36.68
CA SER A 518 17.26 -17.69 -37.65
C SER A 518 16.76 -17.14 -39.01
N GLN A 519 15.69 -17.75 -39.54
CA GLN A 519 15.09 -17.38 -40.84
C GLN A 519 14.32 -16.07 -40.77
N LEU A 520 14.78 -15.05 -41.51
CA LEU A 520 14.14 -13.73 -41.54
C LEU A 520 12.65 -13.79 -41.82
N SER A 521 12.25 -14.65 -42.76
CA SER A 521 10.84 -14.74 -43.16
C SER A 521 9.92 -15.20 -42.03
N LYS A 522 10.36 -16.22 -41.30
CA LYS A 522 9.55 -16.79 -40.21
C LYS A 522 9.55 -15.85 -39.02
N ARG A 523 10.59 -15.02 -38.94
CA ARG A 523 10.77 -14.06 -37.87
C ARG A 523 9.82 -12.88 -38.04
N VAL A 524 9.48 -12.57 -39.29
CA VAL A 524 8.47 -11.56 -39.60
C VAL A 524 7.12 -12.11 -39.16
N GLN A 525 6.90 -13.41 -39.39
CA GLN A 525 5.65 -14.08 -38.98
C GLN A 525 5.50 -14.21 -37.45
N LEU A 526 6.62 -14.29 -36.74
CA LEU A 526 6.65 -14.29 -35.28
C LEU A 526 6.20 -12.93 -34.76
N LEU A 527 6.87 -11.87 -35.20
CA LEU A 527 6.49 -10.50 -34.86
C LEU A 527 5.01 -10.25 -35.01
N LYS A 528 4.47 -10.71 -36.14
CA LYS A 528 3.06 -10.62 -36.48
C LYS A 528 2.20 -11.36 -35.46
N LYS A 529 2.59 -12.59 -35.13
CA LYS A 529 1.80 -13.45 -34.26
C LYS A 529 1.74 -12.98 -32.80
N PHE A 530 2.85 -12.45 -32.29
CA PHE A 530 2.93 -11.84 -30.98
C PHE A 530 2.06 -10.59 -30.91
N ILE A 531 2.11 -9.75 -31.96
CA ILE A 531 1.24 -8.58 -32.05
C ILE A 531 -0.24 -8.99 -31.98
N LYS A 532 -0.59 -10.09 -32.64
CA LYS A 532 -1.94 -10.63 -32.55
C LYS A 532 -2.25 -11.20 -31.17
N ILE A 533 -1.31 -11.93 -30.58
CA ILE A 533 -1.51 -12.49 -29.24
C ILE A 533 -1.79 -11.36 -28.25
N ALA A 534 -0.99 -10.29 -28.31
CA ALA A 534 -1.20 -9.11 -27.48
C ALA A 534 -2.62 -8.51 -27.65
N ALA A 535 -3.06 -8.36 -28.91
CA ALA A 535 -4.38 -7.77 -29.23
C ALA A 535 -5.52 -8.57 -28.61
N HIS A 536 -5.40 -9.89 -28.66
CA HIS A 536 -6.38 -10.78 -28.00
C HIS A 536 -6.33 -10.74 -26.46
N CYS A 537 -5.14 -10.53 -25.89
CA CYS A 537 -4.98 -10.35 -24.45
C CYS A 537 -5.68 -9.08 -23.98
N LYS A 538 -5.48 -7.99 -24.70
CA LYS A 538 -6.10 -6.72 -24.38
C LYS A 538 -7.63 -6.79 -24.54
N GLU A 539 -8.11 -7.62 -25.47
CA GLU A 539 -9.54 -7.86 -25.66
C GLU A 539 -10.13 -8.65 -24.50
N TYR A 540 -9.38 -9.58 -23.96
CA TYR A 540 -9.83 -10.32 -22.78
C TYR A 540 -9.68 -9.52 -21.48
N LYS A 541 -9.27 -8.25 -21.62
CA LYS A 541 -8.98 -7.33 -20.51
C LYS A 541 -7.76 -7.72 -19.62
N ASN A 542 -6.93 -8.64 -20.14
CA ASN A 542 -5.63 -8.99 -19.55
C ASN A 542 -4.54 -7.97 -19.92
N LEU A 543 -4.57 -6.82 -19.28
CA LEU A 543 -3.68 -5.72 -19.62
C LEU A 543 -2.25 -6.01 -19.22
N ASN A 544 -2.10 -6.83 -18.19
CA ASN A 544 -0.79 -7.22 -17.71
C ASN A 544 0.03 -7.99 -18.76
N SER A 545 -0.53 -9.08 -19.28
CA SER A 545 0.10 -9.88 -20.32
C SER A 545 0.16 -9.21 -21.69
N PHE A 546 -0.78 -8.31 -21.96
CA PHE A 546 -0.69 -7.43 -23.12
C PHE A 546 0.55 -6.53 -23.06
N PHE A 547 0.74 -5.78 -21.97
CA PHE A 547 1.94 -4.98 -21.87
C PHE A 547 3.25 -5.78 -21.85
N ALA A 548 3.20 -7.00 -21.33
CA ALA A 548 4.36 -7.89 -21.27
C ALA A 548 4.87 -8.28 -22.69
N ILE A 549 3.93 -8.63 -23.57
CA ILE A 549 4.23 -8.90 -24.98
C ILE A 549 4.71 -7.62 -25.66
N VAL A 550 4.03 -6.50 -25.44
CA VAL A 550 4.40 -5.25 -26.10
C VAL A 550 5.81 -4.83 -25.71
N MET A 551 6.12 -4.97 -24.41
CA MET A 551 7.43 -4.65 -23.88
C MET A 551 8.52 -5.64 -24.29
N GLY A 552 8.16 -6.90 -24.52
CA GLY A 552 9.07 -7.89 -25.10
C GLY A 552 9.49 -7.47 -26.50
N LEU A 553 8.50 -7.06 -27.28
CA LEU A 553 8.67 -6.52 -28.62
C LEU A 553 9.51 -5.25 -28.67
N SER A 554 9.54 -4.51 -27.56
CA SER A 554 10.31 -3.26 -27.41
C SER A 554 11.72 -3.48 -26.92
N ASN A 555 11.99 -4.69 -26.46
CA ASN A 555 13.32 -5.00 -25.95
C ASN A 555 14.38 -4.69 -27.01
N VAL A 556 15.50 -4.14 -26.56
CA VAL A 556 16.63 -3.73 -27.40
C VAL A 556 17.03 -4.79 -28.43
N ALA A 557 17.03 -6.06 -28.03
CA ALA A 557 17.40 -7.18 -28.89
C ALA A 557 16.38 -7.43 -30.01
N VAL A 558 15.13 -6.98 -29.82
CA VAL A 558 14.09 -7.18 -30.85
C VAL A 558 13.89 -5.93 -31.73
N SER A 559 13.97 -4.76 -31.11
CA SER A 559 13.78 -3.49 -31.82
C SER A 559 14.95 -3.16 -32.78
N ARG A 560 16.11 -3.74 -32.50
CA ARG A 560 17.31 -3.78 -33.35
C ARG A 560 17.09 -4.33 -34.77
N LEU A 561 16.10 -5.18 -34.92
CA LEU A 561 15.96 -6.00 -36.12
C LEU A 561 15.17 -5.29 -37.24
N ALA A 562 15.77 -4.21 -37.77
CA ALA A 562 15.18 -3.40 -38.85
C ALA A 562 14.74 -4.24 -40.06
N LEU A 563 15.54 -5.21 -40.49
CA LEU A 563 15.18 -6.03 -41.63
C LEU A 563 13.88 -6.80 -41.38
N THR A 564 13.61 -7.10 -40.10
CA THR A 564 12.38 -7.81 -39.71
C THR A 564 11.18 -6.85 -39.57
N TRP A 565 11.41 -5.70 -38.94
CA TRP A 565 10.36 -4.71 -38.74
C TRP A 565 9.97 -4.04 -40.06
N GLU A 566 10.97 -3.64 -40.84
CA GLU A 566 10.80 -3.09 -42.19
C GLU A 566 9.90 -3.96 -43.06
N LYS A 567 10.02 -5.27 -42.89
CA LYS A 567 9.32 -6.25 -43.70
C LYS A 567 7.92 -6.57 -43.20
N LEU A 568 7.58 -6.07 -42.01
CA LEU A 568 6.27 -6.34 -41.41
C LEU A 568 5.18 -5.50 -42.10
N PRO A 569 4.02 -6.12 -42.44
CA PRO A 569 2.91 -5.37 -43.04
C PRO A 569 2.53 -4.17 -42.19
N SER A 570 2.42 -2.99 -42.80
CA SER A 570 2.24 -1.73 -42.07
C SER A 570 0.91 -1.64 -41.32
N LYS A 571 0.05 -2.62 -41.56
CA LYS A 571 -1.16 -2.84 -40.79
C LYS A 571 -0.75 -3.16 -39.34
N PHE A 572 0.18 -4.11 -39.20
CA PHE A 572 0.68 -4.53 -37.91
C PHE A 572 1.73 -3.57 -37.35
N LYS A 573 2.35 -2.77 -38.21
CA LYS A 573 3.24 -1.69 -37.77
C LYS A 573 2.44 -0.62 -37.04
N LYS A 574 1.23 -0.36 -37.52
CA LYS A 574 0.35 0.63 -36.92
C LYS A 574 -0.29 0.13 -35.63
N PHE A 575 -0.77 -1.11 -35.64
CA PHE A 575 -1.23 -1.79 -34.43
C PHE A 575 -0.20 -1.65 -33.32
N TYR A 576 1.03 -2.08 -33.58
CA TYR A 576 2.11 -2.00 -32.62
C TYR A 576 2.47 -0.59 -32.14
N ALA A 577 2.56 0.36 -33.08
CA ALA A 577 2.90 1.76 -32.73
C ALA A 577 1.90 2.34 -31.73
N GLU A 578 0.66 1.85 -31.79
CA GLU A 578 -0.44 2.28 -30.92
C GLU A 578 -0.36 1.64 -29.53
N PHE A 579 -0.15 0.32 -29.50
CA PHE A 579 0.19 -0.41 -28.28
C PHE A 579 1.32 0.29 -27.52
N GLU A 580 2.41 0.59 -28.21
CA GLU A 580 3.52 1.36 -27.66
C GLU A 580 3.19 2.74 -27.06
N SER A 581 2.25 3.45 -27.68
CA SER A 581 1.82 4.76 -27.17
C SER A 581 1.01 4.63 -25.88
N LEU A 582 0.28 3.52 -25.74
CA LEU A 582 -0.46 3.18 -24.53
C LEU A 582 0.43 3.03 -23.28
N MET A 583 1.73 2.84 -23.53
CA MET A 583 2.72 2.65 -22.48
C MET A 583 3.38 3.96 -22.08
N ASP A 584 2.98 5.05 -22.74
CA ASP A 584 3.56 6.37 -22.50
C ASP A 584 3.51 6.71 -21.00
N PRO A 585 4.68 6.95 -20.37
CA PRO A 585 4.76 7.26 -18.95
C PRO A 585 4.28 8.68 -18.63
N SER A 586 3.87 9.40 -19.66
CA SER A 586 3.56 10.83 -19.57
C SER A 586 2.33 11.11 -18.73
N ARG A 587 2.49 12.07 -17.81
CA ARG A 587 1.43 12.47 -16.87
C ARG A 587 0.94 11.27 -16.08
N ASN A 588 1.90 10.62 -15.39
CA ASN A 588 1.67 9.43 -14.58
C ASN A 588 0.92 8.33 -15.33
N HIS A 589 1.48 7.91 -16.47
CA HIS A 589 0.86 6.85 -17.30
C HIS A 589 -0.61 7.07 -17.64
N ARG A 590 -0.94 8.32 -17.96
CA ARG A 590 -2.31 8.73 -18.31
C ARG A 590 -2.93 7.83 -19.36
N ALA A 591 -2.17 7.52 -20.42
CA ALA A 591 -2.66 6.63 -21.47
C ALA A 591 -3.08 5.27 -20.93
N TYR A 592 -2.26 4.65 -20.08
CA TYR A 592 -2.67 3.39 -19.44
C TYR A 592 -3.83 3.57 -18.45
N ARG A 593 -3.67 4.55 -17.57
CA ARG A 593 -4.65 4.84 -16.52
C ARG A 593 -6.07 4.98 -17.03
N LEU A 594 -6.27 5.89 -18.01
CA LEU A 594 -7.60 6.09 -18.62
C LEU A 594 -8.11 4.83 -19.32
N THR A 595 -7.20 4.05 -19.90
CA THR A 595 -7.57 2.80 -20.58
C THR A 595 -8.22 1.83 -19.60
N ALA A 596 -7.50 1.52 -18.51
CA ALA A 596 -7.99 0.64 -17.46
C ALA A 596 -9.25 1.20 -16.80
N ALA A 597 -9.34 2.53 -16.69
CA ALA A 597 -10.49 3.19 -16.06
C ALA A 597 -11.82 2.90 -16.77
N LYS A 598 -11.78 2.85 -18.10
CA LYS A 598 -12.98 2.59 -18.91
C LYS A 598 -13.48 1.15 -18.78
N LEU A 599 -12.60 0.22 -18.44
CA LEU A 599 -12.94 -1.19 -18.41
C LEU A 599 -13.76 -1.59 -17.19
N GLU A 600 -14.44 -2.73 -17.29
CA GLU A 600 -15.33 -3.21 -16.25
C GLU A 600 -14.77 -4.47 -15.58
N PRO A 601 -15.02 -4.65 -14.26
CA PRO A 601 -14.40 -5.54 -13.29
C PRO A 601 -13.47 -6.65 -13.77
N PRO A 602 -13.96 -7.71 -14.48
CA PRO A 602 -12.97 -8.81 -14.62
C PRO A 602 -11.79 -8.38 -15.49
N LEU A 603 -10.79 -7.74 -14.88
CA LEU A 603 -9.58 -7.31 -15.58
C LEU A 603 -8.29 -7.58 -14.77
N ILE A 604 -7.19 -7.80 -15.49
CA ILE A 604 -5.87 -7.94 -14.88
C ILE A 604 -5.11 -6.67 -15.21
N PRO A 605 -4.81 -5.84 -14.16
CA PRO A 605 -4.15 -4.55 -14.39
C PRO A 605 -2.67 -4.70 -14.78
N PHE A 606 -2.03 -3.58 -15.11
CA PHE A 606 -0.61 -3.55 -15.38
C PHE A 606 0.11 -3.57 -14.04
N MET A 607 0.60 -4.74 -13.64
CA MET A 607 1.08 -4.97 -12.28
C MET A 607 2.28 -4.16 -11.86
N PRO A 608 3.29 -3.96 -12.75
CA PRO A 608 4.36 -3.06 -12.32
C PRO A 608 3.92 -1.66 -11.84
N LEU A 609 2.87 -1.09 -12.43
CA LEU A 609 2.41 0.25 -12.02
C LEU A 609 1.67 0.22 -10.68
N LEU A 610 0.94 -0.87 -10.42
CA LEU A 610 0.34 -1.12 -9.12
C LEU A 610 1.39 -1.17 -7.99
N ILE A 611 2.46 -1.91 -8.23
CA ILE A 611 3.58 -2.02 -7.27
C ILE A 611 4.24 -0.66 -7.07
N LYS A 612 4.45 0.06 -8.17
CA LYS A 612 4.98 1.43 -8.09
C LYS A 612 4.06 2.31 -7.21
N ASP A 613 2.77 2.33 -7.50
CA ASP A 613 1.82 3.11 -6.67
C ASP A 613 1.94 2.82 -5.15
N MET A 614 1.93 1.54 -4.82
CA MET A 614 2.08 1.11 -3.45
C MET A 614 3.39 1.53 -2.81
N THR A 615 4.48 1.38 -3.55
CA THR A 615 5.81 1.79 -3.11
C THR A 615 5.85 3.26 -2.72
N PHE A 616 5.33 4.09 -3.61
CA PHE A 616 5.37 5.54 -3.40
C PHE A 616 4.37 6.01 -2.34
N THR A 617 3.25 5.30 -2.19
CA THR A 617 2.36 5.53 -1.06
C THR A 617 3.07 5.30 0.27
N HIS A 618 3.82 4.21 0.35
CA HIS A 618 4.57 3.91 1.56
C HIS A 618 5.73 4.86 1.80
N GLU A 619 6.56 5.07 0.79
CA GLU A 619 7.70 5.97 0.94
C GLU A 619 7.34 7.45 1.02
N GLY A 620 6.23 7.83 0.40
CA GLY A 620 5.80 9.24 0.35
C GLY A 620 5.17 9.79 1.62
N ASN A 621 4.83 8.87 2.55
CA ASN A 621 3.96 9.14 3.69
C ASN A 621 4.50 8.45 4.93
N LYS A 622 4.48 9.15 6.04
CA LYS A 622 4.91 8.60 7.32
C LYS A 622 3.84 7.72 7.93
N THR A 623 4.23 6.56 8.46
CA THR A 623 3.31 5.64 9.12
C THR A 623 2.81 6.22 10.45
N PHE A 624 3.72 6.86 11.19
CA PHE A 624 3.40 7.54 12.47
C PHE A 624 3.59 9.06 12.39
N ILE A 625 2.62 9.81 12.93
CA ILE A 625 2.69 11.28 13.03
C ILE A 625 2.45 11.69 14.48
N ASP A 626 3.52 12.18 15.13
CA ASP A 626 3.53 12.53 16.55
C ASP A 626 3.21 11.32 17.38
N ASN A 627 3.89 10.22 17.06
CA ASN A 627 3.69 8.93 17.73
C ASN A 627 2.29 8.32 17.60
N LEU A 628 1.45 8.88 16.73
CA LEU A 628 0.11 8.36 16.45
C LEU A 628 0.09 7.70 15.06
N VAL A 629 -0.70 6.64 14.90
CA VAL A 629 -0.90 6.03 13.58
C VAL A 629 -1.41 7.09 12.60
N ASN A 630 -0.75 7.22 11.45
CA ASN A 630 -1.22 8.09 10.38
C ASN A 630 -2.26 7.34 9.55
N PHE A 631 -3.52 7.51 9.95
CA PHE A 631 -4.61 6.74 9.39
C PHE A 631 -4.98 7.19 8.00
N GLU A 632 -4.67 8.44 7.67
CA GLU A 632 -4.78 8.93 6.29
C GLU A 632 -3.92 8.09 5.33
N LYS A 633 -2.67 7.81 5.72
CA LYS A 633 -1.82 6.85 4.96
C LYS A 633 -2.44 5.44 4.89
N MET A 634 -2.97 4.95 6.01
CA MET A 634 -3.59 3.62 6.05
C MET A 634 -4.71 3.45 5.00
N ARG A 635 -5.56 4.48 4.86
CA ARG A 635 -6.66 4.49 3.90
C ARG A 635 -6.17 4.54 2.45
N MET A 636 -5.09 5.29 2.22
CA MET A 636 -4.47 5.39 0.90
C MET A 636 -3.99 4.02 0.44
N ILE A 637 -3.25 3.30 1.30
CA ILE A 637 -2.85 1.91 1.01
C ILE A 637 -4.03 0.96 0.82
N ALA A 638 -5.01 1.04 1.72
CA ALA A 638 -6.20 0.18 1.64
C ALA A 638 -7.01 0.43 0.36
N ASN A 639 -7.08 1.69 -0.09
CA ASN A 639 -7.74 2.02 -1.36
C ASN A 639 -7.11 1.30 -2.55
N THR A 640 -5.78 1.33 -2.62
CA THR A 640 -5.04 0.64 -3.68
C THR A 640 -5.36 -0.86 -3.72
N ALA A 641 -5.41 -1.50 -2.55
CA ALA A 641 -5.77 -2.92 -2.47
C ALA A 641 -7.24 -3.25 -2.82
N ARG A 642 -8.16 -2.34 -2.50
CA ARG A 642 -9.56 -2.51 -2.91
C ARG A 642 -9.78 -2.29 -4.41
N THR A 643 -8.82 -1.65 -5.06
CA THR A 643 -8.83 -1.51 -6.51
C THR A 643 -8.64 -2.91 -7.12
N VAL A 644 -7.76 -3.69 -6.50
CA VAL A 644 -7.50 -5.05 -6.92
C VAL A 644 -8.73 -5.92 -6.71
N ARG A 645 -9.37 -5.76 -5.54
CA ARG A 645 -10.59 -6.48 -5.19
C ARG A 645 -11.66 -6.21 -6.25
N TYR A 646 -11.79 -4.94 -6.66
CA TYR A 646 -12.69 -4.53 -7.73
C TYR A 646 -12.37 -5.21 -9.08
N TYR A 647 -11.11 -5.14 -9.52
CA TYR A 647 -10.65 -5.86 -10.73
C TYR A 647 -11.02 -7.35 -10.75
N ARG A 648 -11.04 -7.97 -9.58
CA ARG A 648 -11.31 -9.40 -9.46
C ARG A 648 -12.76 -9.73 -9.02
N SER A 649 -13.63 -8.72 -8.99
CA SER A 649 -14.99 -8.89 -8.46
C SER A 649 -15.98 -9.67 -9.36
N GLN A 650 -15.65 -9.81 -10.63
CA GLN A 650 -16.43 -10.66 -11.54
C GLN A 650 -15.56 -11.82 -12.02
N PRO A 651 -16.17 -13.00 -12.28
CA PRO A 651 -15.33 -14.12 -12.74
C PRO A 651 -14.99 -13.99 -14.22
N PHE A 652 -13.92 -14.67 -14.64
CA PHE A 652 -13.52 -14.65 -16.05
C PHE A 652 -14.26 -15.75 -16.81
N ASN A 653 -14.91 -15.38 -17.93
CA ASN A 653 -15.68 -16.33 -18.75
C ASN A 653 -15.21 -16.49 -20.21
N HIS A 663 -8.40 -27.71 -25.47
CA HIS A 663 -7.10 -27.44 -26.09
C HIS A 663 -5.96 -27.68 -25.10
N GLN A 664 -5.76 -28.95 -24.72
CA GLN A 664 -4.78 -29.35 -23.72
C GLN A 664 -3.33 -29.09 -24.13
N ASP A 665 -3.06 -29.13 -25.44
CA ASP A 665 -1.74 -28.85 -25.98
C ASP A 665 -1.35 -27.36 -25.80
N VAL A 666 -2.29 -26.46 -26.08
CA VAL A 666 -2.08 -25.02 -25.89
C VAL A 666 -1.92 -24.68 -24.40
N ARG A 667 -2.71 -25.36 -23.57
CA ARG A 667 -2.68 -25.21 -22.13
C ARG A 667 -1.32 -25.61 -21.55
N SER A 668 -0.83 -26.77 -21.97
CA SER A 668 0.46 -27.26 -21.52
C SER A 668 1.62 -26.37 -21.96
N TYR A 669 1.53 -25.81 -23.17
CA TYR A 669 2.59 -24.95 -23.67
C TYR A 669 2.68 -23.64 -22.85
N VAL A 670 1.54 -22.99 -22.72
CA VAL A 670 1.42 -21.68 -22.09
C VAL A 670 1.87 -21.69 -20.60
N ARG A 671 1.75 -22.85 -19.97
CA ARG A 671 2.04 -23.05 -18.56
C ARG A 671 3.42 -23.65 -18.28
N GLN A 672 4.20 -23.91 -19.31
CA GLN A 672 5.53 -24.51 -19.13
C GLN A 672 6.58 -23.80 -19.97
N LEU A 673 6.48 -22.47 -20.07
CA LEU A 673 7.48 -21.67 -20.78
C LEU A 673 8.91 -21.89 -20.29
N ASN A 674 9.84 -22.09 -21.23
CA ASN A 674 11.29 -22.07 -20.94
C ASN A 674 11.93 -20.91 -21.66
N VAL A 675 12.67 -20.09 -20.92
CA VAL A 675 12.96 -18.73 -21.34
C VAL A 675 14.43 -18.38 -21.10
N ILE A 676 15.01 -17.57 -21.99
CA ILE A 676 16.32 -16.99 -21.72
C ILE A 676 16.05 -15.64 -21.03
N ASP A 677 16.70 -15.39 -19.89
CA ASP A 677 16.53 -14.11 -19.25
C ASP A 677 17.86 -13.39 -19.10
N ASN A 678 18.90 -13.92 -19.76
CA ASN A 678 20.21 -13.29 -19.82
C ASN A 678 20.25 -12.31 -21.00
N GLN A 679 20.12 -11.02 -20.68
CA GLN A 679 20.04 -9.99 -21.69
C GLN A 679 21.28 -9.96 -22.60
N ARG A 680 22.47 -10.21 -22.04
CA ARG A 680 23.70 -10.27 -22.85
C ARG A 680 23.61 -11.35 -23.94
N THR A 681 23.16 -12.53 -23.52
CA THR A 681 22.99 -13.65 -24.41
C THR A 681 22.05 -13.30 -25.55
N LEU A 682 20.93 -12.67 -25.19
CA LEU A 682 19.91 -12.27 -26.14
C LEU A 682 20.38 -11.20 -27.13
N SER A 683 21.23 -10.29 -26.67
CA SER A 683 21.75 -9.26 -27.56
C SER A 683 22.82 -9.84 -28.50
N GLN A 684 23.64 -10.75 -27.99
CA GLN A 684 24.62 -11.45 -28.82
C GLN A 684 23.96 -12.24 -29.92
N MET A 685 22.88 -12.94 -29.58
CA MET A 685 22.07 -13.69 -30.55
C MET A 685 21.43 -12.79 -31.60
N SER A 686 20.91 -11.65 -31.14
CA SER A 686 20.30 -10.64 -32.00
C SER A 686 21.30 -10.11 -33.05
N HIS A 687 22.52 -9.83 -32.60
CA HIS A 687 23.56 -9.21 -33.43
C HIS A 687 24.05 -10.13 -34.53
N ARG A 688 23.89 -11.44 -34.33
CA ARG A 688 24.34 -12.39 -35.31
C ARG A 688 23.20 -12.80 -36.26
N LEU A 689 21.97 -12.47 -35.87
CA LEU A 689 20.81 -12.57 -36.78
C LEU A 689 20.82 -11.45 -37.82
N GLU A 690 21.17 -10.25 -37.35
CA GLU A 690 21.21 -9.04 -38.15
C GLU A 690 22.32 -8.15 -37.60
N PRO A 691 23.54 -8.28 -38.18
CA PRO A 691 24.77 -7.60 -37.76
C PRO A 691 24.66 -6.08 -37.60
N GLU B 3 8.49 21.22 -21.27
CA GLU B 3 8.38 19.75 -20.94
C GLU B 3 9.74 19.05 -20.86
N TYR B 4 10.08 18.57 -19.68
CA TYR B 4 11.28 17.78 -19.47
C TYR B 4 10.92 16.42 -18.84
N LYS B 5 11.85 15.47 -18.91
CA LYS B 5 11.66 14.11 -18.40
C LYS B 5 12.96 13.59 -17.84
N LEU B 6 13.07 13.59 -16.53
CA LEU B 6 14.28 13.15 -15.84
C LEU B 6 14.03 11.78 -15.22
N VAL B 7 15.08 10.96 -15.14
CA VAL B 7 14.94 9.56 -14.76
C VAL B 7 15.84 9.30 -13.56
N VAL B 8 15.29 8.61 -12.56
CA VAL B 8 16.05 8.28 -11.37
C VAL B 8 16.37 6.78 -11.41
N LEU B 9 17.66 6.44 -11.29
CA LEU B 9 18.14 5.07 -11.41
C LEU B 9 19.02 4.65 -10.24
N GLY B 10 19.19 3.35 -10.08
CA GLY B 10 20.02 2.82 -9.01
C GLY B 10 19.34 1.64 -8.38
N SER B 11 20.08 0.95 -7.52
CA SER B 11 19.58 -0.25 -6.84
C SER B 11 18.54 0.12 -5.81
N GLY B 12 17.96 -0.90 -5.20
CA GLY B 12 16.96 -0.70 -4.18
C GLY B 12 17.61 -0.28 -2.88
N GLY B 13 16.90 0.57 -2.14
CA GLY B 13 17.32 0.92 -0.79
C GLY B 13 18.34 2.04 -0.83
N VAL B 14 18.41 2.70 -1.95
CA VAL B 14 19.38 3.74 -2.19
C VAL B 14 18.82 5.14 -1.77
N GLY B 15 17.51 5.31 -1.98
CA GLY B 15 16.79 6.53 -1.61
C GLY B 15 16.21 7.21 -2.83
N LYS B 16 16.00 6.48 -3.92
CA LYS B 16 15.40 7.09 -5.11
C LYS B 16 14.00 7.66 -4.90
N SER B 17 13.13 6.90 -4.22
CA SER B 17 11.74 7.34 -4.04
C SER B 17 11.66 8.58 -3.11
N ALA B 18 12.47 8.58 -2.05
CA ALA B 18 12.58 9.69 -1.12
C ALA B 18 13.03 10.97 -1.81
N LEU B 19 14.08 10.86 -2.64
CA LEU B 19 14.55 11.99 -3.46
C LEU B 19 13.47 12.52 -4.36
N THR B 20 12.79 11.60 -5.03
CA THR B 20 11.71 11.96 -5.93
C THR B 20 10.57 12.73 -5.21
N VAL B 21 10.13 12.26 -4.04
CA VAL B 21 9.00 12.90 -3.32
C VAL B 21 9.46 14.23 -2.70
N GLN B 22 10.66 14.21 -2.11
CA GLN B 22 11.26 15.39 -1.49
C GLN B 22 11.47 16.53 -2.50
N PHE B 23 11.61 16.20 -3.76
CA PHE B 23 11.76 17.20 -4.80
C PHE B 23 10.40 17.69 -5.30
N VAL B 24 9.50 16.75 -5.60
CA VAL B 24 8.25 17.13 -6.25
C VAL B 24 7.22 17.74 -5.28
N GLN B 25 7.39 17.53 -3.98
CA GLN B 25 6.39 17.97 -3.04
C GLN B 25 6.93 18.14 -1.64
N GLY B 26 7.53 17.09 -1.11
CA GLY B 26 8.01 17.13 0.25
C GLY B 26 7.28 16.08 1.07
N ILE B 27 8.10 15.38 1.89
CA ILE B 27 7.58 14.39 2.83
C ILE B 27 7.07 15.08 4.10
N PHE B 28 5.98 14.58 4.63
CA PHE B 28 5.34 15.10 5.83
C PHE B 28 4.67 16.47 5.89
N VAL B 29 4.92 17.32 4.96
CA VAL B 29 4.34 18.68 4.93
C VAL B 29 2.99 18.53 4.21
N GLU B 30 3.00 17.56 3.30
CA GLU B 30 1.78 17.27 2.56
C GLU B 30 1.69 15.76 2.42
N LYS B 31 0.46 15.24 2.31
CA LYS B 31 0.31 13.84 1.99
C LYS B 31 0.72 13.61 0.54
N TYR B 32 1.27 12.43 0.25
CA TYR B 32 1.70 12.14 -1.11
C TYR B 32 0.83 11.07 -1.76
N ASP B 33 0.12 11.48 -2.80
CA ASP B 33 -0.71 10.62 -3.61
C ASP B 33 0.00 10.34 -4.94
N PRO B 34 0.51 9.10 -5.13
CA PRO B 34 1.22 8.76 -6.37
C PRO B 34 0.31 8.37 -7.54
N THR B 35 -1.00 8.54 -7.40
CA THR B 35 -1.94 8.02 -8.39
C THR B 35 -2.61 9.10 -9.27
N ILE B 36 -2.13 10.34 -9.19
CA ILE B 36 -2.76 11.44 -9.90
C ILE B 36 -1.88 12.00 -11.02
N GLU B 37 -2.51 12.58 -12.03
CA GLU B 37 -1.80 13.10 -13.21
C GLU B 37 -0.53 13.90 -12.89
N ASP B 38 -0.58 14.70 -11.83
CA ASP B 38 0.55 15.55 -11.44
C ASP B 38 1.48 14.98 -10.36
N SER B 39 1.34 13.69 -10.02
CA SER B 39 2.14 13.07 -8.96
C SER B 39 3.66 13.29 -9.06
N TYR B 40 4.19 13.25 -10.28
CA TYR B 40 5.65 13.37 -10.48
C TYR B 40 6.08 14.60 -11.33
N ARG B 41 5.14 15.51 -11.56
CA ARG B 41 5.38 16.77 -12.33
C ARG B 41 5.63 17.95 -11.39
N LYS B 42 6.70 18.70 -11.63
CA LYS B 42 6.95 19.96 -10.90
C LYS B 42 7.44 21.09 -11.82
N GLN B 43 6.84 22.28 -11.70
CA GLN B 43 7.34 23.47 -12.42
C GLN B 43 8.50 24.14 -11.69
N VAL B 44 9.56 24.45 -12.44
CA VAL B 44 10.87 24.76 -11.86
C VAL B 44 11.59 25.93 -12.53
N GLN B 50 12.23 28.60 -16.83
CA GLN B 50 11.01 28.12 -16.22
C GLN B 50 10.44 26.87 -16.92
N CYS B 51 10.61 25.70 -16.29
CA CYS B 51 10.38 24.41 -16.96
C CYS B 51 9.48 23.43 -16.19
N MET B 52 8.70 22.65 -16.94
CA MET B 52 7.88 21.58 -16.38
C MET B 52 8.59 20.21 -16.43
N LEU B 53 9.04 19.73 -15.26
CA LEU B 53 9.72 18.43 -15.14
C LEU B 53 8.77 17.30 -14.73
N GLU B 54 8.89 16.14 -15.40
CA GLU B 54 8.35 14.87 -14.90
C GLU B 54 9.49 14.02 -14.40
N ILE B 55 9.33 13.43 -13.22
CA ILE B 55 10.35 12.52 -12.71
C ILE B 55 9.86 11.09 -12.91
N LEU B 56 10.59 10.37 -13.76
CA LEU B 56 10.34 8.96 -14.01
C LEU B 56 11.31 8.16 -13.18
N ASP B 57 10.77 7.59 -12.11
CA ASP B 57 11.56 6.93 -11.07
C ASP B 57 11.35 5.41 -11.13
N THR B 58 12.44 4.65 -10.98
CA THR B 58 12.41 3.17 -11.02
C THR B 58 12.24 2.52 -9.64
N ALA B 59 12.06 3.35 -8.62
CA ALA B 59 11.82 2.86 -7.27
C ALA B 59 10.57 1.97 -7.30
N GLY B 60 10.68 0.80 -6.69
CA GLY B 60 9.57 -0.16 -6.67
C GLY B 60 9.47 -1.10 -7.85
N THR B 61 10.08 -0.76 -8.98
CA THR B 61 9.93 -1.58 -10.20
C THR B 61 11.25 -2.10 -10.75
N GLU B 62 12.30 -2.07 -9.93
CA GLU B 62 13.63 -2.53 -10.31
C GLU B 62 13.62 -3.98 -10.86
N GLN B 63 12.79 -4.85 -10.31
CA GLN B 63 12.68 -6.23 -10.82
C GLN B 63 12.08 -6.33 -12.24
N PHE B 64 11.41 -5.28 -12.69
CA PHE B 64 10.83 -5.23 -14.04
C PHE B 64 11.75 -4.39 -14.92
N THR B 65 12.69 -5.07 -15.55
CA THR B 65 13.68 -4.46 -16.41
C THR B 65 13.07 -3.69 -17.60
N ALA B 66 11.88 -4.10 -18.06
CA ALA B 66 11.17 -3.42 -19.15
C ALA B 66 10.71 -2.03 -18.73
N MET B 67 10.43 -1.88 -17.44
CA MET B 67 10.06 -0.59 -16.86
C MET B 67 11.21 0.42 -16.95
N ARG B 68 12.40 0.04 -16.50
CA ARG B 68 13.55 0.94 -16.65
C ARG B 68 13.93 1.25 -18.10
N ASP B 69 13.78 0.27 -19.00
CA ASP B 69 14.05 0.47 -20.44
C ASP B 69 13.05 1.46 -21.06
N LEU B 70 11.78 1.35 -20.67
CA LEU B 70 10.73 2.28 -21.14
C LEU B 70 11.00 3.72 -20.71
N TYR B 71 11.55 3.88 -19.51
CA TYR B 71 11.85 5.18 -18.95
C TYR B 71 13.15 5.72 -19.54
N MET B 72 14.13 4.83 -19.77
CA MET B 72 15.37 5.20 -20.45
C MET B 72 15.06 5.73 -21.85
N LYS B 73 14.10 5.09 -22.52
CA LYS B 73 13.67 5.54 -23.83
C LYS B 73 13.08 6.95 -23.80
N ASN B 74 12.36 7.28 -22.71
CA ASN B 74 11.71 8.58 -22.62
C ASN B 74 12.53 9.62 -21.87
N GLY B 75 13.57 9.18 -21.18
CA GLY B 75 14.36 10.05 -20.32
C GLY B 75 15.43 10.88 -21.02
N GLN B 76 15.58 12.14 -20.60
CA GLN B 76 16.52 13.06 -21.22
C GLN B 76 17.66 13.39 -20.28
N GLY B 77 17.48 13.10 -19.00
CA GLY B 77 18.53 13.31 -18.01
C GLY B 77 18.49 12.17 -17.03
N PHE B 78 19.61 11.89 -16.37
CA PHE B 78 19.70 10.66 -15.59
C PHE B 78 20.45 10.84 -14.29
N ALA B 79 19.84 10.35 -13.20
CA ALA B 79 20.50 10.37 -11.91
C ALA B 79 20.87 8.96 -11.49
N LEU B 80 22.16 8.74 -11.23
CA LEU B 80 22.62 7.42 -10.84
C LEU B 80 22.96 7.49 -9.37
N VAL B 81 22.11 6.88 -8.56
CA VAL B 81 22.17 7.11 -7.16
C VAL B 81 22.75 5.88 -6.48
N TYR B 82 23.62 6.10 -5.51
CA TYR B 82 24.07 5.05 -4.61
C TYR B 82 23.93 5.49 -3.14
N SER B 83 24.05 4.54 -2.23
CA SER B 83 24.16 4.83 -0.80
C SER B 83 25.61 4.73 -0.35
N ILE B 84 26.11 5.81 0.24
CA ILE B 84 27.45 5.82 0.77
C ILE B 84 27.55 4.95 2.04
N THR B 85 26.46 4.32 2.43
CA THR B 85 26.54 3.24 3.42
C THR B 85 26.68 1.85 2.77
N ALA B 86 26.74 1.79 1.44
CA ALA B 86 26.79 0.51 0.72
C ALA B 86 27.64 0.44 -0.54
N GLN B 87 28.83 -0.13 -0.34
CA GLN B 87 29.61 -0.93 -1.28
C GLN B 87 28.90 -1.39 -2.56
N SER B 88 28.03 -2.39 -2.36
CA SER B 88 27.29 -3.07 -3.44
C SER B 88 26.64 -2.12 -4.42
N THR B 89 25.89 -1.15 -3.88
CA THR B 89 25.16 -0.14 -4.67
C THR B 89 26.02 0.74 -5.55
N PHE B 90 27.23 1.02 -5.06
CA PHE B 90 28.21 1.79 -5.82
C PHE B 90 28.68 0.97 -7.03
N ASN B 91 29.04 -0.29 -6.75
CA ASN B 91 29.45 -1.27 -7.77
C ASN B 91 28.33 -1.61 -8.76
N ASP B 92 27.06 -1.41 -8.36
CA ASP B 92 25.93 -1.67 -9.27
C ASP B 92 25.77 -0.63 -10.40
N LEU B 93 26.64 0.38 -10.42
CA LEU B 93 26.39 1.59 -11.21
C LEU B 93 26.90 1.62 -12.65
N GLN B 94 28.00 0.91 -12.89
CA GLN B 94 28.61 0.82 -14.23
C GLN B 94 27.60 0.39 -15.32
N ASP B 95 26.84 -0.67 -15.02
CA ASP B 95 25.84 -1.25 -15.95
C ASP B 95 24.66 -0.38 -16.39
N LEU B 96 24.10 0.39 -15.46
CA LEU B 96 22.97 1.30 -15.77
C LEU B 96 23.39 2.37 -16.77
N ARG B 97 24.56 2.95 -16.51
CA ARG B 97 25.19 3.89 -17.43
C ARG B 97 25.26 3.32 -18.86
N GLU B 98 25.69 2.07 -18.96
CA GLU B 98 25.80 1.35 -20.23
C GLU B 98 24.45 1.08 -20.89
N GLN B 99 23.46 0.62 -20.09
CA GLN B 99 22.12 0.33 -20.62
C GLN B 99 21.44 1.57 -21.20
N ILE B 100 21.71 2.74 -20.62
CA ILE B 100 21.19 4.02 -21.13
C ILE B 100 21.56 4.22 -22.61
N LEU B 101 22.85 4.12 -22.89
CA LEU B 101 23.33 4.08 -24.28
C LEU B 101 23.02 2.70 -24.85
N ARG B 102 21.89 2.47 -25.45
CA ARG B 102 21.55 1.21 -26.11
C ARG B 102 20.09 1.19 -26.56
N VAL B 103 19.26 1.88 -25.58
CA VAL B 103 17.80 1.93 -25.71
C VAL B 103 17.38 3.04 -26.67
N LYS B 104 18.02 4.20 -26.56
CA LYS B 104 17.70 5.32 -27.45
C LYS B 104 18.66 5.48 -28.63
N ASP B 105 19.65 4.59 -28.70
CA ASP B 105 20.66 4.55 -29.77
C ASP B 105 21.50 5.82 -29.93
N THR B 106 22.22 6.20 -28.86
CA THR B 106 22.99 7.44 -28.89
C THR B 106 24.45 7.28 -28.47
N ASP B 107 25.09 8.42 -28.24
CA ASP B 107 26.51 8.54 -27.96
C ASP B 107 26.69 9.27 -26.62
N ASP B 108 26.00 10.40 -26.48
CA ASP B 108 25.99 11.19 -25.24
C ASP B 108 24.59 11.41 -24.65
N VAL B 109 24.52 11.38 -23.32
CA VAL B 109 23.29 11.65 -22.57
C VAL B 109 23.62 12.41 -21.28
N PRO B 110 22.89 13.51 -21.01
CA PRO B 110 23.12 14.28 -19.77
C PRO B 110 22.82 13.48 -18.50
N MET B 111 23.74 13.47 -17.54
CA MET B 111 23.56 12.71 -16.30
C MET B 111 24.42 13.15 -15.12
N ILE B 112 24.03 12.73 -13.91
CA ILE B 112 24.76 13.06 -12.69
C ILE B 112 24.92 11.87 -11.76
N LEU B 113 26.05 11.78 -11.08
CA LEU B 113 26.29 10.73 -10.10
C LEU B 113 26.00 11.26 -8.68
N VAL B 114 25.19 10.52 -7.93
CA VAL B 114 24.69 11.00 -6.64
C VAL B 114 25.02 10.06 -5.48
N GLY B 115 25.77 10.54 -4.51
CA GLY B 115 26.07 9.78 -3.30
C GLY B 115 25.12 10.10 -2.16
N ASN B 116 23.98 9.42 -2.14
CA ASN B 116 22.88 9.71 -1.23
C ASN B 116 23.11 9.13 0.16
N LYS B 117 22.39 9.65 1.14
CA LYS B 117 22.50 9.25 2.55
C LYS B 117 23.76 9.82 3.26
N CYS B 118 24.33 10.89 2.68
CA CYS B 118 25.56 11.52 3.20
C CYS B 118 25.51 11.99 4.68
N ASP B 119 24.32 12.17 5.24
CA ASP B 119 24.19 12.61 6.62
C ASP B 119 24.67 11.56 7.65
N LEU B 120 24.48 10.28 7.34
CA LEU B 120 24.82 9.23 8.31
C LEU B 120 26.21 8.67 8.07
N GLU B 121 27.17 9.15 8.87
CA GLU B 121 28.59 8.92 8.59
C GLU B 121 29.26 7.97 9.56
N ASP B 122 28.54 7.62 10.63
CA ASP B 122 28.95 6.53 11.53
C ASP B 122 28.57 5.15 10.94
N GLU B 123 27.87 5.19 9.81
CA GLU B 123 27.52 4.00 9.03
C GLU B 123 28.19 4.01 7.65
N ARG B 124 28.99 5.04 7.37
CA ARG B 124 29.62 5.24 6.07
C ARG B 124 30.68 4.18 5.73
N VAL B 125 30.64 3.66 4.51
CA VAL B 125 31.65 2.71 4.01
C VAL B 125 32.25 3.10 2.65
N VAL B 126 31.53 3.94 1.91
CA VAL B 126 32.04 4.51 0.68
C VAL B 126 32.49 5.92 1.00
N GLY B 127 33.61 6.35 0.39
CA GLY B 127 34.14 7.69 0.59
C GLY B 127 33.78 8.64 -0.54
N LYS B 128 33.89 9.94 -0.27
CA LYS B 128 33.66 10.99 -1.29
C LYS B 128 34.59 10.76 -2.47
N GLU B 129 35.85 10.43 -2.14
CA GLU B 129 36.92 10.09 -3.09
C GLU B 129 36.52 9.07 -4.15
N GLN B 130 36.04 7.89 -3.72
CA GLN B 130 35.60 6.81 -4.64
C GLN B 130 34.55 7.28 -5.64
N GLY B 131 33.57 8.04 -5.15
CA GLY B 131 32.52 8.61 -5.99
C GLY B 131 33.08 9.69 -6.91
N GLN B 132 34.03 10.45 -6.37
CA GLN B 132 34.75 11.48 -7.10
C GLN B 132 35.64 10.91 -8.20
N ASN B 133 36.39 9.84 -7.88
CA ASN B 133 37.13 9.06 -8.88
C ASN B 133 36.20 8.57 -10.01
N LEU B 134 35.09 7.93 -9.60
CA LEU B 134 34.08 7.40 -10.51
C LEU B 134 33.53 8.48 -11.45
N ALA B 142 29.53 15.12 -13.37
CA ALA B 142 28.73 15.69 -12.28
C ALA B 142 28.71 14.76 -11.07
N PHE B 143 29.12 15.26 -9.92
CA PHE B 143 29.05 14.46 -8.70
C PHE B 143 28.48 15.29 -7.55
N LEU B 144 27.64 14.65 -6.74
CA LEU B 144 26.97 15.30 -5.63
C LEU B 144 26.86 14.33 -4.47
N GLU B 145 27.21 14.76 -3.26
CA GLU B 145 26.90 13.98 -2.07
C GLU B 145 25.63 14.54 -1.41
N SER B 146 24.54 13.78 -1.48
CA SER B 146 23.24 14.27 -1.04
C SER B 146 22.59 13.47 0.09
N SER B 147 21.46 13.99 0.56
CA SER B 147 20.65 13.38 1.60
C SER B 147 19.22 13.78 1.34
N ALA B 148 18.36 12.79 1.06
CA ALA B 148 16.95 13.06 0.79
C ALA B 148 16.24 13.48 2.06
N LYS B 149 16.51 12.78 3.15
CA LYS B 149 15.84 13.04 4.42
C LYS B 149 16.30 14.35 5.06
N SER B 150 17.62 14.56 5.10
CA SER B 150 18.23 15.81 5.57
C SER B 150 18.12 16.94 4.56
N LYS B 151 17.41 16.68 3.46
CA LYS B 151 17.25 17.65 2.39
C LYS B 151 18.54 18.44 2.15
N ILE B 152 19.61 17.71 1.84
CA ILE B 152 20.87 18.29 1.37
C ILE B 152 20.98 17.96 -0.12
N ASN B 153 21.07 18.99 -0.94
CA ASN B 153 21.27 18.84 -2.38
C ASN B 153 20.16 18.15 -3.18
N VAL B 154 18.94 18.17 -2.68
CA VAL B 154 17.81 17.52 -3.38
C VAL B 154 17.43 18.23 -4.69
N ASN B 155 17.25 19.54 -4.63
CA ASN B 155 16.87 20.33 -5.79
C ASN B 155 18.04 20.43 -6.78
N GLU B 156 19.26 20.52 -6.24
CA GLU B 156 20.49 20.66 -7.03
C GLU B 156 20.61 19.56 -8.08
N ILE B 157 20.52 18.30 -7.62
CA ILE B 157 20.41 17.11 -8.49
C ILE B 157 19.65 17.38 -9.79
N PHE B 158 18.42 17.85 -9.67
CA PHE B 158 17.54 17.98 -10.82
C PHE B 158 17.75 19.30 -11.57
N TYR B 159 18.47 20.23 -10.92
CA TYR B 159 18.81 21.52 -11.53
C TYR B 159 19.94 21.33 -12.54
N ASP B 160 21.00 20.68 -12.07
CA ASP B 160 22.14 20.24 -12.91
C ASP B 160 21.74 19.57 -14.23
N LEU B 161 20.70 18.76 -14.20
CA LEU B 161 20.25 17.97 -15.35
C LEU B 161 19.51 18.79 -16.39
N VAL B 162 18.88 19.87 -15.96
CA VAL B 162 18.22 20.77 -16.92
C VAL B 162 19.30 21.64 -17.55
N ARG B 163 20.35 21.91 -16.78
CA ARG B 163 21.53 22.61 -17.29
C ARG B 163 22.32 21.75 -18.29
N GLN B 164 22.32 20.44 -18.09
CA GLN B 164 22.95 19.52 -19.05
C GLN B 164 21.99 19.15 -20.19
P SP1 C . -18.72 13.54 21.91
S1P SP1 C . -18.02 11.86 21.23
O2P SP1 C . -20.01 14.15 20.88
O5' SP1 C . -19.17 13.35 23.45
C5' SP1 C . -18.20 13.27 24.50
C4' SP1 C . -17.28 14.47 24.34
O4' SP1 C . -16.14 14.50 25.22
C3' SP1 C . -16.61 14.39 22.98
O3' SP1 C . -17.56 14.64 21.97
C2' SP1 C . -15.45 15.34 23.09
O2' SP1 C . -15.89 16.68 22.92
C1' SP1 C . -15.04 15.13 24.54
N9 SP1 C . -13.83 14.28 24.69
C8 SP1 C . -12.63 14.74 25.09
N7 SP1 C . -11.70 13.75 25.15
C5 SP1 C . -12.34 12.61 24.80
C6 SP1 C . -11.94 11.21 24.64
N6 SP1 C . -10.68 10.86 24.93
N1 SP1 C . -12.87 10.32 24.23
C2 SP1 C . -14.15 10.69 23.95
N3 SP1 C . -14.59 11.97 24.06
C4 SP1 C . -13.74 12.95 24.50
P SP1 D . -15.63 3.88 36.30
S1P SP1 D . -15.90 4.27 34.36
O2P SP1 D . -14.92 2.31 36.56
O5' SP1 D . -14.85 5.06 36.98
C5' SP1 D . -15.46 6.37 37.12
C4' SP1 D . -16.79 6.14 37.84
O4' SP1 D . -17.60 7.31 37.92
C3' SP1 D . -17.67 5.21 37.05
O3' SP1 D . -17.09 3.91 37.01
C2' SP1 D . -19.00 5.38 37.73
O2' SP1 D . -19.04 4.57 38.90
C1' SP1 D . -18.95 6.87 38.07
N9 SP1 D . -19.88 7.66 37.22
C8 SP1 D . -20.69 8.62 37.72
N7 SP1 D . -21.47 9.15 36.76
C5 SP1 D . -21.14 8.56 35.59
C6 SP1 D . -21.59 8.67 34.17
N6 SP1 D . -22.56 9.57 33.83
N1 SP1 D . -20.99 7.86 33.25
C2 SP1 D . -20.04 6.97 33.61
N3 SP1 D . -19.59 6.83 34.86
C4 SP1 D . -20.09 7.57 35.89
S SO4 E . 14.84 3.23 -3.15
O1 SO4 E . 14.57 1.80 -2.97
O2 SO4 E . 13.71 3.88 -3.78
O3 SO4 E . 15.96 3.47 -4.02
O4 SO4 E . 15.18 3.63 -1.77
#